data_3MKP
#
_entry.id   3MKP
#
_cell.length_a   129.73
_cell.length_b   129.73
_cell.length_c   118.19
_cell.angle_alpha   90.00
_cell.angle_beta   90.00
_cell.angle_gamma   90.00
#
_symmetry.space_group_name_H-M   'P 41 21 2'
#
loop_
_entity.id
_entity.type
_entity.pdbx_description
1 polymer 'Hepatocyte growth factor'
2 branched '2-O-sulfo-alpha-L-idopyranuronic acid-(1-4)-2-deoxy-6-O-sulfo-2-(sulfoamino)-alpha-D-glucopyranose-(1-4)-2-O-sulfo-alpha-L-idopyranuronic acid-(1-4)-2-deoxy-6-O-sulfo-2-(sulfoamino)-alpha-D-glucopyranose-(1-4)-2-O-sulfo-alpha-L-idopyranuronic acid-(1-4)-2-deoxy-6-O-sulfo-2-(sulfoamino)-alpha-D-glucopyranose'
3 non-polymer 'SULFATE ION'
4 non-polymer '4-(2-HYDROXYETHYL)-1-PIPERAZINE ETHANESULFONIC ACID'
5 non-polymer 2-deoxy-6-O-sulfo-2-(sulfoamino)-alpha-D-glucopyranose
6 water water
#
_entity_poly.entity_id   1
_entity_poly.type   'polypeptide(L)'
_entity_poly.pdbx_seq_one_letter_code
;YAEGQRKRRNTIHEFKKSAKTTLIKIDPALKIKTKKVNTADQCANRCTRNKGLPFTCKAFVFDKARKQCLWFPFNSMSSG
VKKEFGHEFDLYENKDYIRNCIIGEGESYKGTVSITKSGIKCQPWSSMIPHEHSFLPSSYRGKDLQENYCRNPRGEEGGP
WCFTSNPEVRYEVCDIPQCSEVE
;
_entity_poly.pdbx_strand_id   A,B,C,D
#
loop_
_chem_comp.id
_chem_comp.type
_chem_comp.name
_chem_comp.formula
EPE non-polymer '4-(2-HYDROXYETHYL)-1-PIPERAZINE ETHANESULFONIC ACID' 'C8 H18 N2 O4 S'
IDS L-saccharide, alpha linking '2-O-sulfo-alpha-L-idopyranuronic acid' 'C6 H10 O10 S'
SGN D-saccharide, alpha linking 2-deoxy-6-O-sulfo-2-(sulfoamino)-alpha-D-glucopyranose 'C6 H13 N O11 S2'
SO4 non-polymer 'SULFATE ION' 'O4 S -2'
#
# COMPACT_ATOMS: atom_id res chain seq x y z
N ARG A 9 -18.18 0.22 23.06
CA ARG A 9 -18.57 -0.88 22.13
C ARG A 9 -19.21 -2.06 22.88
N ASN A 10 -19.81 -2.98 22.13
CA ASN A 10 -20.55 -4.08 22.72
C ASN A 10 -19.78 -5.40 22.77
N THR A 11 -19.29 -5.74 23.95
CA THR A 11 -18.34 -6.84 24.11
C THR A 11 -18.96 -8.23 24.36
N ILE A 12 -20.25 -8.27 24.65
CA ILE A 12 -20.90 -9.51 25.07
C ILE A 12 -20.63 -10.70 24.12
N HIS A 13 -20.59 -10.42 22.83
CA HIS A 13 -20.35 -11.46 21.84
C HIS A 13 -18.91 -11.93 21.77
N GLU A 14 -18.03 -11.36 22.60
CA GLU A 14 -16.64 -11.83 22.71
C GLU A 14 -16.43 -12.86 23.82
N PHE A 15 -17.54 -13.39 24.34
CA PHE A 15 -17.51 -14.38 25.41
C PHE A 15 -18.13 -15.69 24.95
N LYS A 16 -17.67 -16.77 25.53
CA LYS A 16 -18.31 -18.05 25.34
C LYS A 16 -19.50 -18.06 26.27
N LYS A 17 -20.70 -18.13 25.69
CA LYS A 17 -21.92 -18.17 26.47
C LYS A 17 -22.38 -19.60 26.71
N SER A 18 -22.57 -19.96 27.98
CA SER A 18 -23.26 -21.18 28.37
C SER A 18 -24.61 -20.82 28.98
N ALA A 19 -25.66 -21.19 28.29
CA ALA A 19 -27.03 -20.86 28.68
C ALA A 19 -27.45 -21.65 29.91
N LYS A 20 -28.44 -21.12 30.63
CA LYS A 20 -29.04 -21.81 31.78
C LYS A 20 -28.02 -22.36 32.81
N THR A 21 -26.90 -21.65 32.95
CA THR A 21 -25.76 -22.08 33.74
C THR A 21 -25.24 -20.96 34.64
N THR A 22 -24.86 -21.32 35.86
CA THR A 22 -24.12 -20.45 36.75
C THR A 22 -22.96 -21.21 37.38
N LEU A 23 -22.12 -20.53 38.15
CA LEU A 23 -21.05 -21.19 38.89
C LEU A 23 -21.13 -20.93 40.38
N ILE A 24 -21.07 -22.02 41.15
CA ILE A 24 -21.04 -21.93 42.60
C ILE A 24 -19.60 -22.10 43.06
N LYS A 25 -19.19 -21.23 43.99
CA LYS A 25 -17.86 -21.32 44.57
C LYS A 25 -17.85 -22.34 45.69
N ILE A 26 -16.93 -23.30 45.59
CA ILE A 26 -16.77 -24.36 46.60
C ILE A 26 -15.72 -23.92 47.60
N ASP A 27 -14.64 -23.31 47.08
CA ASP A 27 -13.60 -22.69 47.89
C ASP A 27 -14.20 -21.48 48.61
N PRO A 28 -14.24 -21.53 49.95
CA PRO A 28 -14.90 -20.51 50.75
C PRO A 28 -14.26 -19.12 50.64
N ALA A 29 -12.96 -19.10 50.39
CA ALA A 29 -12.19 -17.84 50.37
C ALA A 29 -12.30 -17.05 49.06
N LEU A 30 -12.88 -17.67 48.04
CA LEU A 30 -12.89 -17.10 46.68
C LEU A 30 -13.74 -15.86 46.50
N LYS A 31 -13.13 -14.86 45.88
CA LYS A 31 -13.71 -13.53 45.70
C LYS A 31 -14.85 -13.56 44.68
N ILE A 32 -15.84 -12.71 44.90
CA ILE A 32 -16.96 -12.54 43.97
C ILE A 32 -17.46 -11.11 44.03
N LYS A 33 -17.75 -10.52 42.88
CA LYS A 33 -18.30 -9.17 42.85
C LYS A 33 -19.60 -9.13 42.05
N THR A 34 -20.59 -8.41 42.58
CA THR A 34 -21.95 -8.38 42.01
C THR A 34 -22.54 -6.97 42.03
N LYS A 35 -23.42 -6.67 41.06
CA LYS A 35 -24.15 -5.40 41.02
C LYS A 35 -25.46 -5.56 40.22
N LYS A 36 -26.46 -4.72 40.48
CA LYS A 36 -27.75 -4.76 39.73
C LYS A 36 -27.71 -3.89 38.47
N VAL A 37 -27.92 -4.50 37.31
CA VAL A 37 -27.96 -3.79 36.04
C VAL A 37 -29.24 -4.15 35.28
N ASN A 38 -29.48 -3.52 34.14
CA ASN A 38 -30.65 -3.87 33.32
C ASN A 38 -30.40 -5.03 32.37
N THR A 39 -29.27 -4.98 31.66
CA THR A 39 -28.93 -6.02 30.68
C THR A 39 -27.54 -6.58 30.92
N ALA A 40 -27.29 -7.76 30.36
CA ALA A 40 -26.04 -8.47 30.48
C ALA A 40 -24.87 -7.75 29.81
N ASP A 41 -25.17 -6.92 28.82
CA ASP A 41 -24.15 -6.13 28.10
C ASP A 41 -23.34 -5.31 29.09
N GLN A 42 -24.04 -4.80 30.09
CA GLN A 42 -23.44 -3.99 31.14
C GLN A 42 -22.41 -4.83 31.89
N CYS A 43 -22.77 -6.07 32.23
CA CYS A 43 -21.82 -6.99 32.89
C CYS A 43 -20.58 -7.23 32.02
N ALA A 44 -20.80 -7.44 30.72
CA ALA A 44 -19.74 -7.70 29.75
C ALA A 44 -18.81 -6.53 29.53
N ASN A 45 -19.36 -5.32 29.51
CA ASN A 45 -18.53 -4.15 29.33
C ASN A 45 -17.65 -4.00 30.55
N ARG A 46 -18.27 -4.11 31.72
CA ARG A 46 -17.58 -4.05 32.99
C ARG A 46 -16.49 -5.11 33.10
N CYS A 47 -16.80 -6.32 32.64
CA CYS A 47 -15.84 -7.42 32.71
C CYS A 47 -14.62 -7.21 31.79
N THR A 48 -14.87 -7.03 30.51
CA THR A 48 -13.85 -6.72 29.52
C THR A 48 -12.97 -5.53 29.93
N ARG A 49 -13.57 -4.40 30.25
CA ARG A 49 -12.77 -3.23 30.65
C ARG A 49 -12.18 -3.40 32.05
N ASN A 50 -12.58 -4.49 32.72
CA ASN A 50 -12.11 -4.84 34.06
C ASN A 50 -12.12 -3.67 35.04
N LYS A 51 -13.19 -2.87 35.03
CA LYS A 51 -13.23 -1.63 35.82
C LYS A 51 -13.98 -1.84 37.11
N GLY A 52 -13.38 -1.40 38.21
CA GLY A 52 -13.97 -1.53 39.55
C GLY A 52 -14.05 -2.98 40.01
N LEU A 53 -13.03 -3.76 39.68
CA LEU A 53 -12.99 -5.19 40.01
C LEU A 53 -11.64 -5.58 40.61
N PRO A 54 -11.62 -5.95 41.90
CA PRO A 54 -10.40 -6.28 42.64
C PRO A 54 -9.65 -7.54 42.20
N PHE A 55 -10.12 -8.17 41.12
CA PHE A 55 -9.49 -9.35 40.58
C PHE A 55 -9.47 -9.30 39.05
N THR A 56 -8.95 -10.34 38.44
CA THR A 56 -8.99 -10.50 36.99
C THR A 56 -10.29 -11.20 36.59
N CYS A 57 -11.17 -10.48 35.88
CA CYS A 57 -12.48 -11.03 35.46
C CYS A 57 -12.30 -12.09 34.39
N LYS A 58 -12.54 -13.35 34.76
CA LYS A 58 -12.37 -14.46 33.82
C LYS A 58 -13.73 -14.95 33.33
N ALA A 59 -14.79 -14.58 34.05
CA ALA A 59 -16.13 -14.95 33.67
C ALA A 59 -17.11 -14.13 34.47
N PHE A 60 -18.34 -14.04 33.98
CA PHE A 60 -19.45 -13.51 34.74
C PHE A 60 -20.75 -14.30 34.46
N VAL A 61 -21.76 -14.03 35.27
CA VAL A 61 -23.06 -14.67 35.11
C VAL A 61 -24.12 -13.58 35.21
N PHE A 62 -25.10 -13.62 34.32
CA PHE A 62 -26.23 -12.74 34.39
C PHE A 62 -27.45 -13.50 34.89
N ASP A 63 -28.01 -13.00 35.99
CA ASP A 63 -29.20 -13.54 36.62
C ASP A 63 -30.42 -12.78 36.08
N LYS A 64 -31.28 -13.47 35.36
CA LYS A 64 -32.36 -12.80 34.63
C LYS A 64 -33.57 -12.47 35.51
N ALA A 65 -33.66 -13.16 36.64
CA ALA A 65 -34.70 -12.94 37.65
C ALA A 65 -34.38 -11.72 38.48
N ARG A 66 -33.21 -11.77 39.14
CA ARG A 66 -32.67 -10.66 39.90
C ARG A 66 -32.19 -9.49 39.02
N LYS A 67 -31.97 -9.74 37.72
CA LYS A 67 -31.36 -8.77 36.80
C LYS A 67 -30.02 -8.26 37.35
N GLN A 68 -29.07 -9.17 37.47
CA GLN A 68 -27.89 -8.95 38.29
C GLN A 68 -26.64 -9.62 37.74
N CYS A 69 -25.53 -8.88 37.68
CA CYS A 69 -24.25 -9.46 37.28
C CYS A 69 -23.53 -10.08 38.46
N LEU A 70 -22.95 -11.26 38.26
CA LEU A 70 -21.95 -11.79 39.20
C LEU A 70 -20.61 -11.95 38.46
N TRP A 71 -19.58 -11.23 38.92
CA TRP A 71 -18.26 -11.27 38.30
C TRP A 71 -17.32 -12.22 39.05
N PHE A 72 -16.52 -12.99 38.31
CA PHE A 72 -15.67 -14.02 38.92
C PHE A 72 -14.20 -13.89 38.51
N PRO A 73 -13.30 -14.13 39.47
CA PRO A 73 -11.88 -14.33 39.15
C PRO A 73 -11.55 -15.75 38.68
N PHE A 74 -12.58 -16.52 38.35
CA PHE A 74 -12.41 -17.91 37.94
C PHE A 74 -13.37 -18.23 36.81
N ASN A 75 -13.27 -19.43 36.24
CA ASN A 75 -14.26 -19.90 35.29
C ASN A 75 -14.62 -21.36 35.54
N SER A 76 -15.42 -21.93 34.64
CA SER A 76 -15.95 -23.28 34.86
C SER A 76 -14.86 -24.34 34.96
N MET A 77 -13.69 -24.10 34.37
CA MET A 77 -12.60 -25.08 34.46
C MET A 77 -11.71 -24.87 35.69
N SER A 78 -11.87 -23.76 36.39
CA SER A 78 -11.04 -23.47 37.58
C SER A 78 -11.32 -24.47 38.69
N SER A 79 -10.29 -24.81 39.45
CA SER A 79 -10.47 -25.74 40.56
C SER A 79 -11.07 -25.04 41.76
N GLY A 80 -12.08 -25.69 42.37
CA GLY A 80 -12.80 -25.17 43.53
C GLY A 80 -14.14 -24.52 43.20
N VAL A 81 -14.73 -24.91 42.07
CA VAL A 81 -15.89 -24.23 41.51
C VAL A 81 -16.75 -25.24 40.74
N LYS A 82 -18.06 -25.17 40.89
CA LYS A 82 -18.94 -26.13 40.23
C LYS A 82 -19.94 -25.48 39.28
N LYS A 83 -19.97 -25.95 38.02
CA LYS A 83 -21.08 -25.64 37.10
C LYS A 83 -22.38 -26.08 37.76
N GLU A 84 -23.45 -25.32 37.54
CA GLU A 84 -24.75 -25.66 38.11
C GLU A 84 -25.88 -25.06 37.30
N PHE A 85 -27.01 -25.76 37.26
CA PHE A 85 -28.11 -25.42 36.37
C PHE A 85 -29.08 -24.43 37.02
N GLY A 86 -29.72 -23.62 36.19
CA GLY A 86 -30.80 -22.74 36.64
C GLY A 86 -31.30 -21.99 35.42
N HIS A 87 -32.61 -21.93 35.22
CA HIS A 87 -33.12 -21.25 34.03
C HIS A 87 -32.80 -19.75 33.99
N GLU A 88 -32.59 -19.13 35.16
CA GLU A 88 -32.40 -17.69 35.24
C GLU A 88 -30.97 -17.25 34.99
N PHE A 89 -30.05 -18.20 34.91
CA PHE A 89 -28.64 -17.87 34.82
C PHE A 89 -28.09 -18.06 33.41
N ASP A 90 -27.19 -17.17 33.01
CA ASP A 90 -26.35 -17.35 31.81
C ASP A 90 -24.88 -17.11 32.13
N LEU A 91 -24.05 -18.08 31.74
CA LEU A 91 -22.62 -18.03 32.01
C LEU A 91 -21.83 -17.50 30.82
N TYR A 92 -21.08 -16.43 31.03
CA TYR A 92 -20.26 -15.84 29.98
C TYR A 92 -18.80 -15.98 30.38
N GLU A 93 -18.02 -16.67 29.56
CA GLU A 93 -16.61 -16.92 29.89
C GLU A 93 -15.66 -16.18 28.96
N ASN A 94 -14.72 -15.48 29.60
CA ASN A 94 -13.74 -14.68 28.91
C ASN A 94 -12.85 -15.61 28.13
N LYS A 95 -12.88 -15.48 26.81
CA LYS A 95 -12.15 -16.40 25.92
C LYS A 95 -10.63 -16.45 26.21
N ASP A 96 -10.06 -15.39 26.77
CA ASP A 96 -8.63 -15.40 27.12
C ASP A 96 -8.26 -16.44 28.17
N TYR A 97 -9.24 -17.01 28.85
CA TYR A 97 -8.96 -18.01 29.89
C TYR A 97 -9.61 -19.39 29.60
N ILE A 98 -9.92 -19.65 28.32
CA ILE A 98 -10.21 -20.98 27.80
C ILE A 98 -9.14 -21.34 26.78
N ARG A 99 -8.40 -22.38 27.10
CA ARG A 99 -7.24 -22.78 26.34
C ARG A 99 -7.66 -23.01 24.91
N ASN A 100 -6.91 -22.40 24.00
CA ASN A 100 -7.31 -22.34 22.59
C ASN A 100 -6.46 -23.24 21.75
N CYS A 101 -5.71 -24.10 22.44
CA CYS A 101 -4.83 -25.04 21.79
C CYS A 101 -5.04 -26.39 22.44
N ILE A 102 -4.68 -27.46 21.74
CA ILE A 102 -5.04 -28.76 22.25
C ILE A 102 -3.84 -29.49 22.79
N ILE A 103 -4.07 -30.19 23.89
CA ILE A 103 -3.09 -31.10 24.43
C ILE A 103 -3.56 -32.47 24.01
N GLY A 104 -2.66 -33.23 23.39
CA GLY A 104 -2.98 -34.56 22.88
C GLY A 104 -3.97 -34.55 21.72
N GLU A 105 -4.98 -35.40 21.81
CA GLU A 105 -5.96 -35.56 20.73
C GLU A 105 -7.16 -34.64 20.92
N GLY A 106 -7.21 -33.96 22.07
CA GLY A 106 -8.13 -32.84 22.23
C GLY A 106 -9.42 -33.09 22.96
N GLU A 107 -9.48 -34.11 23.78
CA GLU A 107 -10.73 -34.47 24.46
C GLU A 107 -11.20 -33.40 25.46
N SER A 108 -10.26 -32.63 25.97
CA SER A 108 -10.56 -31.64 26.98
C SER A 108 -10.76 -30.23 26.38
N TYR A 109 -10.62 -30.13 25.05
CA TYR A 109 -10.79 -28.88 24.32
C TYR A 109 -12.14 -28.21 24.54
N LYS A 110 -12.12 -26.96 24.98
CA LYS A 110 -13.37 -26.29 25.31
C LYS A 110 -13.49 -24.93 24.65
N GLY A 111 -12.70 -24.73 23.60
CA GLY A 111 -12.69 -23.47 22.85
C GLY A 111 -13.82 -23.34 21.85
N THR A 112 -13.88 -22.22 21.17
CA THR A 112 -15.08 -21.88 20.41
C THR A 112 -14.89 -22.00 18.92
N VAL A 113 -13.73 -22.47 18.49
CA VAL A 113 -13.54 -22.76 17.07
C VAL A 113 -14.68 -23.68 16.52
N SER A 114 -15.25 -23.29 15.38
CA SER A 114 -16.34 -24.06 14.82
C SER A 114 -16.32 -24.07 13.31
N ILE A 115 -15.12 -24.09 12.75
CA ILE A 115 -14.93 -24.18 11.32
C ILE A 115 -14.01 -25.37 11.05
N THR A 116 -14.39 -26.20 10.08
CA THR A 116 -13.56 -27.32 9.63
C THR A 116 -12.31 -26.81 8.93
N LYS A 117 -11.30 -27.66 8.76
CA LYS A 117 -10.06 -27.15 8.18
C LYS A 117 -10.20 -26.57 6.77
N SER A 118 -11.28 -26.92 6.08
CA SER A 118 -11.48 -26.44 4.73
C SER A 118 -12.52 -25.32 4.67
N GLY A 119 -12.80 -24.74 5.84
CA GLY A 119 -13.61 -23.52 5.92
C GLY A 119 -15.11 -23.72 6.03
N ILE A 120 -15.54 -24.94 6.35
CA ILE A 120 -16.97 -25.19 6.45
C ILE A 120 -17.47 -24.94 7.86
N LYS A 121 -18.54 -24.16 7.97
CA LYS A 121 -19.23 -23.92 9.23
C LYS A 121 -19.78 -25.26 9.75
N CYS A 122 -19.43 -25.58 11.01
CA CYS A 122 -19.95 -26.79 11.68
C CYS A 122 -21.46 -26.75 11.87
N GLN A 123 -22.07 -27.91 11.63
CA GLN A 123 -23.42 -28.19 12.11
C GLN A 123 -23.46 -28.24 13.65
N PRO A 124 -24.42 -27.53 14.28
CA PRO A 124 -24.56 -27.65 15.74
C PRO A 124 -24.87 -29.09 16.14
N TRP A 125 -24.27 -29.51 17.25
CA TRP A 125 -24.37 -30.89 17.71
C TRP A 125 -25.80 -31.33 17.97
N SER A 126 -26.60 -30.46 18.55
CA SER A 126 -27.94 -30.88 18.91
C SER A 126 -28.92 -30.74 17.74
N SER A 127 -28.43 -30.29 16.58
CA SER A 127 -29.19 -30.34 15.31
C SER A 127 -29.05 -31.67 14.55
N MET A 128 -30.10 -32.07 13.84
CA MET A 128 -30.05 -33.29 13.02
C MET A 128 -29.86 -32.97 11.53
N ILE A 129 -29.69 -31.68 11.21
CA ILE A 129 -29.65 -31.20 9.83
C ILE A 129 -28.36 -30.42 9.54
N PRO A 130 -27.72 -30.69 8.39
CA PRO A 130 -28.08 -31.70 7.36
C PRO A 130 -27.88 -33.19 7.76
N HIS A 131 -27.11 -33.43 8.82
CA HIS A 131 -26.69 -34.78 9.13
C HIS A 131 -27.23 -35.36 10.43
N GLU A 132 -27.99 -36.45 10.35
CA GLU A 132 -28.46 -37.16 11.54
C GLU A 132 -27.29 -37.87 12.24
N HIS A 133 -27.27 -37.82 13.57
CA HIS A 133 -26.20 -38.45 14.36
C HIS A 133 -26.64 -38.65 15.81
N SER A 134 -25.74 -39.13 16.66
CA SER A 134 -26.04 -39.40 18.06
C SER A 134 -25.14 -38.68 19.07
N PHE A 135 -24.30 -37.78 18.61
CA PHE A 135 -23.43 -37.06 19.53
C PHE A 135 -24.17 -35.91 20.20
N LEU A 136 -25.07 -36.29 21.11
CA LEU A 136 -25.89 -35.34 21.82
C LEU A 136 -25.30 -35.07 23.21
N PRO A 137 -25.34 -33.81 23.65
CA PRO A 137 -24.79 -33.49 24.95
C PRO A 137 -25.30 -34.47 25.99
N SER A 138 -26.57 -34.85 25.89
CA SER A 138 -27.19 -35.67 26.94
C SER A 138 -26.62 -37.07 27.05
N SER A 139 -25.87 -37.53 26.05
CA SER A 139 -25.14 -38.80 26.17
C SER A 139 -23.62 -38.66 26.13
N TYR A 140 -23.15 -37.40 26.13
CA TYR A 140 -21.72 -37.09 26.28
C TYR A 140 -21.48 -36.00 27.33
N ARG A 141 -22.02 -36.19 28.52
CA ARG A 141 -21.92 -35.18 29.57
C ARG A 141 -20.49 -34.99 30.03
N GLY A 142 -20.07 -33.72 30.13
CA GLY A 142 -18.69 -33.34 30.41
C GLY A 142 -17.89 -32.88 29.18
N LYS A 143 -18.40 -33.15 27.98
CA LYS A 143 -17.61 -32.99 26.76
C LYS A 143 -17.94 -31.72 25.96
N ASP A 144 -18.78 -30.84 26.52
CA ASP A 144 -19.17 -29.57 25.92
C ASP A 144 -19.58 -29.65 24.43
N LEU A 145 -20.41 -30.63 24.09
CA LEU A 145 -21.01 -30.71 22.76
C LEU A 145 -22.14 -29.70 22.71
N GLN A 146 -21.77 -28.43 22.74
CA GLN A 146 -22.74 -27.34 22.72
C GLN A 146 -22.53 -26.54 21.47
N GLU A 147 -23.52 -25.73 21.12
CA GLU A 147 -23.47 -24.93 19.89
C GLU A 147 -23.00 -25.80 18.73
N ASN A 148 -22.01 -25.31 17.98
CA ASN A 148 -21.44 -26.05 16.88
C ASN A 148 -19.91 -26.07 16.97
N TYR A 149 -19.39 -26.14 18.19
CA TYR A 149 -17.94 -26.09 18.38
C TYR A 149 -17.24 -27.38 17.90
N CYS A 150 -16.02 -27.28 17.38
CA CYS A 150 -15.20 -28.49 17.15
C CYS A 150 -14.93 -29.24 18.45
N ARG A 151 -15.20 -30.53 18.45
CA ARG A 151 -15.02 -31.34 19.64
C ARG A 151 -14.47 -32.73 19.29
N ASN A 152 -13.92 -33.41 20.30
CA ASN A 152 -13.45 -34.78 20.15
C ASN A 152 -13.93 -35.60 21.35
N PRO A 153 -15.25 -35.79 21.45
CA PRO A 153 -15.83 -36.44 22.63
C PRO A 153 -15.34 -37.86 22.95
N ARG A 154 -14.91 -38.66 21.96
CA ARG A 154 -14.35 -40.00 22.27
C ARG A 154 -12.82 -40.04 22.31
N GLY A 155 -12.18 -38.87 22.18
CA GLY A 155 -10.72 -38.78 22.14
C GLY A 155 -10.11 -39.64 21.06
N GLU A 156 -10.60 -39.54 19.84
CA GLU A 156 -10.10 -40.33 18.71
C GLU A 156 -8.95 -39.65 17.98
N GLU A 157 -8.17 -40.48 17.30
CA GLU A 157 -7.09 -40.03 16.42
C GLU A 157 -7.67 -39.08 15.41
N GLY A 158 -7.12 -37.88 15.32
CA GLY A 158 -7.58 -36.92 14.34
C GLY A 158 -7.87 -35.56 14.96
N GLY A 159 -7.95 -35.51 16.28
CA GLY A 159 -8.27 -34.27 16.98
C GLY A 159 -9.73 -33.90 16.90
N PRO A 160 -10.07 -32.67 17.28
CA PRO A 160 -11.46 -32.22 17.27
C PRO A 160 -11.98 -32.14 15.85
N TRP A 161 -13.29 -32.29 15.72
CA TRP A 161 -13.97 -32.36 14.41
C TRP A 161 -15.36 -31.87 14.69
N CYS A 162 -16.22 -31.86 13.66
CA CYS A 162 -17.65 -31.57 13.83
C CYS A 162 -18.38 -32.13 12.63
N PHE A 163 -19.70 -32.34 12.74
CA PHE A 163 -20.52 -32.49 11.53
C PHE A 163 -20.64 -31.13 10.86
N THR A 164 -20.59 -31.09 9.53
CA THR A 164 -20.59 -29.80 8.80
C THR A 164 -21.95 -29.43 8.22
N SER A 165 -22.16 -28.12 8.07
CA SER A 165 -23.41 -27.59 7.54
C SER A 165 -23.55 -27.87 6.05
N ASN A 166 -22.46 -28.33 5.43
CA ASN A 166 -22.48 -28.75 4.04
C ASN A 166 -23.02 -30.17 3.88
N PRO A 167 -24.21 -30.29 3.26
CA PRO A 167 -24.89 -31.59 3.01
C PRO A 167 -23.96 -32.63 2.37
N GLU A 168 -23.01 -32.15 1.58
CA GLU A 168 -22.07 -32.97 0.85
C GLU A 168 -20.92 -33.49 1.72
N VAL A 169 -20.68 -32.86 2.86
CA VAL A 169 -19.61 -33.31 3.71
C VAL A 169 -20.10 -33.59 5.13
N ARG A 170 -20.25 -34.87 5.46
CA ARG A 170 -20.79 -35.27 6.77
C ARG A 170 -19.99 -34.71 7.98
N TYR A 171 -18.71 -34.99 8.03
CA TYR A 171 -17.87 -34.46 9.08
C TYR A 171 -16.49 -34.07 8.53
N GLU A 172 -15.81 -33.18 9.22
CA GLU A 172 -14.43 -32.84 8.91
C GLU A 172 -13.66 -32.48 10.19
N VAL A 173 -12.40 -32.89 10.29
CA VAL A 173 -11.54 -32.47 11.38
C VAL A 173 -11.38 -30.96 11.31
N CYS A 174 -11.13 -30.32 12.44
CA CYS A 174 -10.82 -28.89 12.47
C CYS A 174 -9.33 -28.70 12.66
N ASP A 175 -8.89 -27.49 12.39
CA ASP A 175 -7.48 -27.11 12.38
C ASP A 175 -7.15 -26.36 13.66
N ILE A 176 -7.03 -27.08 14.77
CA ILE A 176 -6.73 -26.46 16.06
C ILE A 176 -5.32 -26.82 16.51
N PRO A 177 -4.46 -25.80 16.67
CA PRO A 177 -3.05 -26.13 16.89
C PRO A 177 -2.78 -26.79 18.24
N GLN A 178 -1.67 -27.54 18.31
CA GLN A 178 -1.16 -28.14 19.53
C GLN A 178 -0.52 -27.04 20.35
N CYS A 179 -0.68 -27.08 21.67
CA CYS A 179 -0.13 -26.02 22.49
C CYS A 179 1.36 -25.88 22.29
N SER A 180 2.05 -26.98 22.07
CA SER A 180 3.48 -26.96 21.79
C SER A 180 3.69 -26.82 20.30
N GLU A 181 3.78 -25.58 19.82
CA GLU A 181 3.96 -25.31 18.39
C GLU A 181 4.42 -23.87 18.13
N ARG B 9 -23.00 -6.33 15.11
CA ARG B 9 -21.74 -6.14 15.90
C ARG B 9 -20.48 -6.08 15.00
N ASN B 10 -19.52 -5.24 15.39
CA ASN B 10 -18.27 -5.15 14.68
C ASN B 10 -17.21 -6.11 15.21
N THR B 11 -16.94 -7.16 14.45
CA THR B 11 -15.97 -8.16 14.86
C THR B 11 -14.53 -7.68 14.81
N ILE B 12 -14.31 -6.46 14.32
CA ILE B 12 -12.96 -5.95 14.13
C ILE B 12 -12.16 -5.89 15.44
N HIS B 13 -12.83 -5.53 16.53
CA HIS B 13 -12.16 -5.36 17.82
C HIS B 13 -11.83 -6.70 18.51
N GLU B 14 -12.24 -7.83 17.92
CA GLU B 14 -11.94 -9.15 18.45
C GLU B 14 -10.57 -9.68 17.97
N PHE B 15 -9.88 -8.88 17.18
CA PHE B 15 -8.62 -9.28 16.57
C PHE B 15 -7.48 -8.56 17.25
N LYS B 16 -6.29 -9.16 17.19
CA LYS B 16 -5.09 -8.46 17.63
C LYS B 16 -4.58 -7.62 16.48
N LYS B 17 -4.60 -6.31 16.66
CA LYS B 17 -4.18 -5.40 15.61
C LYS B 17 -2.68 -5.07 15.71
N SER B 18 -1.99 -5.11 14.57
CA SER B 18 -0.60 -4.66 14.51
C SER B 18 -0.46 -3.68 13.36
N ALA B 19 -0.31 -2.40 13.65
CA ALA B 19 -0.32 -1.39 12.57
C ALA B 19 0.91 -1.49 11.67
N LYS B 20 0.78 -0.94 10.46
CA LYS B 20 1.90 -0.83 9.53
C LYS B 20 2.66 -2.15 9.29
N THR B 21 1.90 -3.23 9.16
CA THR B 21 2.46 -4.58 9.03
C THR B 21 1.64 -5.40 8.06
N THR B 22 2.35 -6.21 7.29
CA THR B 22 1.72 -7.30 6.57
C THR B 22 2.55 -8.55 6.77
N LEU B 23 2.11 -9.65 6.15
CA LEU B 23 2.80 -10.94 6.26
C LEU B 23 3.12 -11.44 4.87
N ILE B 24 4.28 -12.08 4.73
CA ILE B 24 4.69 -12.68 3.47
C ILE B 24 4.97 -14.18 3.65
N LYS B 25 4.52 -14.97 2.68
CA LYS B 25 4.71 -16.43 2.72
C LYS B 25 6.04 -16.83 2.10
N ILE B 26 6.91 -17.44 2.90
CA ILE B 26 8.18 -17.98 2.41
C ILE B 26 7.89 -19.21 1.56
N ASP B 27 7.24 -20.19 2.17
CA ASP B 27 6.68 -21.33 1.47
C ASP B 27 5.45 -20.86 0.69
N PRO B 28 5.53 -20.82 -0.65
CA PRO B 28 4.40 -20.24 -1.41
C PRO B 28 3.25 -21.22 -1.65
N ALA B 29 3.36 -22.42 -1.09
CA ALA B 29 2.31 -23.45 -1.17
C ALA B 29 1.10 -23.10 -0.31
N LEU B 30 1.31 -22.23 0.68
CA LEU B 30 0.25 -21.72 1.56
C LEU B 30 -0.74 -20.85 0.76
N LYS B 31 -2.03 -21.16 0.90
CA LYS B 31 -3.10 -20.49 0.15
C LYS B 31 -3.41 -19.09 0.69
N ILE B 32 -4.06 -18.27 -0.13
CA ILE B 32 -4.45 -16.89 0.20
C ILE B 32 -5.72 -16.53 -0.59
N LYS B 33 -6.58 -15.68 -0.02
CA LYS B 33 -7.62 -15.05 -0.82
C LYS B 33 -7.61 -13.53 -0.67
N THR B 34 -7.76 -12.82 -1.79
CA THR B 34 -7.79 -11.36 -1.78
C THR B 34 -9.10 -10.84 -2.38
N LYS B 35 -9.46 -9.60 -2.04
CA LYS B 35 -10.63 -8.93 -2.61
C LYS B 35 -10.58 -7.44 -2.29
N LYS B 36 -11.07 -6.61 -3.21
CA LYS B 36 -11.24 -5.19 -2.93
C LYS B 36 -12.53 -4.98 -2.15
N VAL B 37 -12.43 -4.21 -1.06
CA VAL B 37 -13.58 -3.85 -0.24
C VAL B 37 -13.43 -2.37 0.12
N ASN B 38 -14.30 -1.88 1.00
CA ASN B 38 -14.16 -0.49 1.47
C ASN B 38 -13.42 -0.39 2.80
N THR B 39 -14.06 -0.82 3.87
CA THR B 39 -13.47 -0.75 5.21
C THR B 39 -12.80 -2.05 5.63
N ALA B 40 -11.98 -1.98 6.67
CA ALA B 40 -11.39 -3.16 7.27
C ALA B 40 -12.45 -4.04 7.96
N ASP B 41 -13.53 -3.43 8.42
CA ASP B 41 -14.63 -4.12 9.07
C ASP B 41 -15.19 -5.25 8.19
N GLN B 42 -15.18 -5.01 6.89
CA GLN B 42 -15.63 -5.99 5.92
C GLN B 42 -14.73 -7.22 5.96
N CYS B 43 -13.41 -6.99 6.04
CA CYS B 43 -12.45 -8.10 6.14
C CYS B 43 -12.62 -8.88 7.44
N ALA B 44 -12.80 -8.13 8.54
CA ALA B 44 -13.08 -8.71 9.85
C ALA B 44 -14.33 -9.57 9.83
N ASN B 45 -15.44 -8.98 9.41
CA ASN B 45 -16.72 -9.70 9.35
C ASN B 45 -16.64 -10.96 8.50
N ARG B 46 -16.05 -10.85 7.32
CA ARG B 46 -15.87 -12.02 6.46
C ARG B 46 -15.05 -13.10 7.17
N CYS B 47 -13.90 -12.72 7.71
CA CYS B 47 -12.96 -13.64 8.34
C CYS B 47 -13.57 -14.37 9.54
N THR B 48 -14.17 -13.62 10.45
CA THR B 48 -14.82 -14.15 11.63
C THR B 48 -15.82 -15.22 11.24
N ARG B 49 -16.79 -14.87 10.39
CA ARG B 49 -17.79 -15.83 9.89
C ARG B 49 -17.18 -16.91 9.00
N ASN B 50 -16.01 -16.63 8.42
CA ASN B 50 -15.29 -17.57 7.54
C ASN B 50 -16.06 -17.93 6.27
N LYS B 51 -17.17 -17.24 6.01
CA LYS B 51 -17.93 -17.48 4.79
C LYS B 51 -17.18 -16.92 3.58
N GLY B 52 -16.83 -17.81 2.66
CA GLY B 52 -16.20 -17.44 1.39
C GLY B 52 -14.73 -17.78 1.30
N LEU B 53 -14.25 -18.64 2.18
CA LEU B 53 -12.83 -18.95 2.26
C LEU B 53 -12.62 -20.45 2.35
N PRO B 54 -11.83 -21.03 1.42
CA PRO B 54 -11.68 -22.47 1.36
C PRO B 54 -10.75 -22.98 2.45
N PHE B 55 -10.58 -22.17 3.50
CA PHE B 55 -9.70 -22.52 4.60
C PHE B 55 -10.14 -21.91 5.94
N THR B 56 -9.43 -22.24 7.02
CA THR B 56 -9.65 -21.57 8.28
C THR B 56 -8.96 -20.19 8.30
N CYS B 57 -9.76 -19.13 8.44
CA CYS B 57 -9.25 -17.77 8.45
C CYS B 57 -8.59 -17.46 9.78
N LYS B 58 -7.25 -17.39 9.77
CA LYS B 58 -6.52 -17.17 11.02
C LYS B 58 -6.12 -15.70 11.24
N ALA B 59 -5.93 -14.96 10.14
CA ALA B 59 -5.53 -13.55 10.17
C ALA B 59 -5.87 -12.89 8.86
N PHE B 60 -5.97 -11.57 8.86
CA PHE B 60 -6.09 -10.84 7.61
C PHE B 60 -5.31 -9.54 7.64
N VAL B 61 -5.00 -9.04 6.45
CA VAL B 61 -4.41 -7.73 6.31
C VAL B 61 -5.35 -6.84 5.51
N PHE B 62 -5.50 -5.60 5.97
CA PHE B 62 -6.21 -4.57 5.21
C PHE B 62 -5.24 -3.60 4.57
N ASP B 63 -5.25 -3.58 3.24
CA ASP B 63 -4.42 -2.67 2.45
C ASP B 63 -5.21 -1.36 2.32
N LYS B 64 -4.78 -0.34 3.07
CA LYS B 64 -5.54 0.91 3.17
C LYS B 64 -5.44 1.70 1.88
N ALA B 65 -4.34 1.51 1.16
CA ALA B 65 -4.08 2.19 -0.09
C ALA B 65 -5.02 1.67 -1.18
N ARG B 66 -4.95 0.36 -1.42
CA ARG B 66 -5.76 -0.27 -2.45
C ARG B 66 -7.19 -0.51 -1.99
N LYS B 67 -7.45 -0.30 -0.70
CA LYS B 67 -8.69 -0.75 -0.04
C LYS B 67 -8.94 -2.22 -0.37
N GLN B 68 -8.16 -3.10 0.25
CA GLN B 68 -8.18 -4.52 -0.10
C GLN B 68 -7.90 -5.45 1.10
N CYS B 69 -8.74 -6.48 1.26
CA CYS B 69 -8.48 -7.51 2.26
C CYS B 69 -7.57 -8.60 1.67
N LEU B 70 -6.70 -9.13 2.52
CA LEU B 70 -5.93 -10.33 2.24
C LEU B 70 -6.15 -11.28 3.42
N TRP B 71 -6.87 -12.37 3.19
CA TRP B 71 -7.21 -13.34 4.22
C TRP B 71 -6.23 -14.52 4.21
N PHE B 72 -5.68 -14.85 5.38
CA PHE B 72 -4.70 -15.94 5.50
C PHE B 72 -5.16 -17.09 6.40
N PRO B 73 -4.79 -18.34 6.01
CA PRO B 73 -4.90 -19.54 6.85
C PRO B 73 -3.72 -19.72 7.82
N PHE B 74 -3.05 -18.63 8.18
CA PHE B 74 -1.83 -18.65 9.00
C PHE B 74 -1.68 -17.30 9.68
N ASN B 75 -0.71 -17.15 10.56
CA ASN B 75 -0.50 -15.83 11.14
C ASN B 75 0.96 -15.54 11.36
N SER B 76 1.26 -14.41 12.01
CA SER B 76 2.64 -14.02 12.22
C SER B 76 3.53 -15.10 12.92
N MET B 77 2.96 -15.90 13.80
CA MET B 77 3.78 -16.93 14.49
C MET B 77 3.89 -18.26 13.73
N SER B 78 3.23 -18.38 12.57
CA SER B 78 3.34 -19.59 11.75
C SER B 78 4.75 -19.70 11.16
N SER B 79 5.26 -20.93 11.06
CA SER B 79 6.57 -21.17 10.44
C SER B 79 6.48 -20.95 8.93
N GLY B 80 7.54 -20.41 8.35
CA GLY B 80 7.54 -20.07 6.93
C GLY B 80 6.57 -18.95 6.62
N VAL B 81 6.58 -17.93 7.50
CA VAL B 81 5.80 -16.70 7.33
C VAL B 81 6.56 -15.55 8.01
N LYS B 82 6.81 -14.48 7.26
CA LYS B 82 7.52 -13.33 7.81
C LYS B 82 6.63 -12.08 7.87
N LYS B 83 6.74 -11.34 8.97
CA LYS B 83 6.21 -9.98 9.07
C LYS B 83 7.04 -9.08 8.18
N GLU B 84 6.39 -8.08 7.59
CA GLU B 84 7.08 -7.09 6.80
C GLU B 84 6.42 -5.75 7.13
N PHE B 85 7.23 -4.71 7.29
CA PHE B 85 6.68 -3.39 7.52
C PHE B 85 6.15 -2.77 6.21
N GLY B 86 5.09 -1.97 6.34
CA GLY B 86 4.48 -1.27 5.20
C GLY B 86 3.48 -0.23 5.69
N HIS B 87 3.56 0.98 5.15
CA HIS B 87 2.73 2.10 5.62
C HIS B 87 1.23 1.92 5.42
N GLU B 88 0.86 1.15 4.41
CA GLU B 88 -0.54 0.99 4.04
C GLU B 88 -1.21 -0.21 4.69
N PHE B 89 -0.44 -1.10 5.30
CA PHE B 89 -1.00 -2.34 5.84
C PHE B 89 -1.29 -2.31 7.33
N ASP B 90 -2.43 -2.88 7.70
CA ASP B 90 -2.76 -3.17 9.09
C ASP B 90 -2.97 -4.68 9.22
N LEU B 91 -2.26 -5.32 10.14
CA LEU B 91 -2.44 -6.76 10.39
C LEU B 91 -3.44 -7.01 11.50
N TYR B 92 -4.34 -7.97 11.25
CA TYR B 92 -5.35 -8.35 12.22
C TYR B 92 -5.31 -9.85 12.45
N GLU B 93 -4.93 -10.26 13.65
CA GLU B 93 -4.84 -11.68 13.95
C GLU B 93 -6.01 -12.13 14.76
N ASN B 94 -6.60 -13.24 14.34
CA ASN B 94 -7.70 -13.87 15.04
C ASN B 94 -7.20 -14.47 16.36
N LYS B 95 -7.70 -13.95 17.48
CA LYS B 95 -7.17 -14.31 18.82
C LYS B 95 -7.23 -15.80 19.10
N ASP B 96 -8.15 -16.51 18.43
CA ASP B 96 -8.28 -17.97 18.60
C ASP B 96 -7.02 -18.73 18.21
N TYR B 97 -6.15 -18.08 17.45
CA TYR B 97 -4.95 -18.72 16.94
C TYR B 97 -3.67 -18.03 17.43
N ILE B 98 -3.79 -17.34 18.56
CA ILE B 98 -2.68 -16.77 19.30
C ILE B 98 -2.73 -17.44 20.66
N ARG B 99 -1.82 -18.40 20.87
CA ARG B 99 -1.87 -19.23 22.08
C ARG B 99 -2.13 -18.35 23.31
N ASN B 100 -3.20 -18.67 24.03
CA ASN B 100 -3.60 -17.82 25.14
C ASN B 100 -3.18 -18.40 26.48
N CYS B 101 -2.28 -19.37 26.44
CA CYS B 101 -1.67 -19.93 27.64
C CYS B 101 -0.16 -19.94 27.43
N ILE B 102 0.60 -20.12 28.50
CA ILE B 102 2.06 -20.08 28.37
C ILE B 102 2.80 -21.38 28.64
N ILE B 103 3.95 -21.49 27.98
CA ILE B 103 4.89 -22.55 28.17
C ILE B 103 6.00 -21.96 29.01
N GLY B 104 6.34 -22.64 30.10
CA GLY B 104 7.42 -22.22 30.98
C GLY B 104 7.24 -20.85 31.60
N GLU B 105 8.23 -19.98 31.42
CA GLU B 105 8.19 -18.64 32.02
C GLU B 105 7.54 -17.59 31.14
N GLY B 106 7.24 -17.98 29.89
CA GLY B 106 6.34 -17.23 29.03
C GLY B 106 6.98 -16.17 28.19
N GLU B 107 8.24 -16.35 27.83
CA GLU B 107 8.94 -15.36 27.03
C GLU B 107 8.31 -15.24 25.64
N SER B 108 7.69 -16.32 25.16
CA SER B 108 7.10 -16.37 23.82
C SER B 108 5.64 -15.92 23.75
N TYR B 109 5.09 -15.51 24.89
CA TYR B 109 3.68 -15.10 25.00
C TYR B 109 3.33 -13.84 24.18
N LYS B 110 2.28 -13.97 23.36
CA LYS B 110 1.89 -12.89 22.47
C LYS B 110 0.41 -12.56 22.54
N GLY B 111 -0.26 -13.06 23.59
CA GLY B 111 -1.70 -12.85 23.77
C GLY B 111 -1.95 -11.45 24.27
N THR B 112 -3.23 -11.08 24.41
CA THR B 112 -3.60 -9.68 24.61
C THR B 112 -4.07 -9.35 26.02
N VAL B 113 -3.84 -10.25 26.95
CA VAL B 113 -4.17 -9.95 28.33
C VAL B 113 -3.34 -8.75 28.79
N SER B 114 -4.03 -7.74 29.30
CA SER B 114 -3.41 -6.50 29.71
C SER B 114 -3.91 -6.06 31.07
N ILE B 115 -4.19 -7.02 31.94
CA ILE B 115 -4.62 -6.73 33.30
C ILE B 115 -3.73 -7.54 34.25
N THR B 116 -3.32 -6.93 35.37
CA THR B 116 -2.50 -7.63 36.38
C THR B 116 -3.35 -8.56 37.25
N LYS B 117 -2.74 -9.26 38.21
CA LYS B 117 -3.52 -10.24 38.98
C LYS B 117 -4.46 -9.67 40.04
N SER B 118 -4.18 -8.45 40.52
CA SER B 118 -5.14 -7.73 41.37
C SER B 118 -6.16 -6.98 40.52
N GLY B 119 -6.09 -7.14 39.21
CA GLY B 119 -7.00 -6.45 38.30
C GLY B 119 -6.69 -4.99 37.96
N ILE B 120 -5.43 -4.57 38.10
CA ILE B 120 -5.02 -3.25 37.60
C ILE B 120 -4.69 -3.35 36.11
N LYS B 121 -5.25 -2.41 35.35
CA LYS B 121 -4.93 -2.23 33.96
C LYS B 121 -3.43 -1.86 33.80
N CYS B 122 -2.78 -2.47 32.81
CA CYS B 122 -1.38 -2.15 32.51
C CYS B 122 -1.17 -0.78 31.89
N GLN B 123 -0.01 -0.21 32.19
CA GLN B 123 0.51 0.99 31.54
C GLN B 123 1.09 0.57 30.20
N PRO B 124 0.85 1.36 29.13
CA PRO B 124 1.50 1.00 27.86
C PRO B 124 3.02 0.91 27.97
N TRP B 125 3.64 0.02 27.20
CA TRP B 125 5.08 -0.13 27.28
C TRP B 125 5.77 1.15 26.83
N SER B 126 5.20 1.86 25.86
CA SER B 126 5.91 3.03 25.43
C SER B 126 5.37 4.37 25.97
N SER B 127 4.77 4.26 27.16
CA SER B 127 4.48 5.45 27.96
C SER B 127 5.46 5.51 29.13
N MET B 128 5.70 6.71 29.65
CA MET B 128 6.52 6.84 30.85
C MET B 128 5.69 7.23 32.08
N ILE B 129 4.37 7.11 31.96
CA ILE B 129 3.46 7.52 33.03
C ILE B 129 2.46 6.40 33.38
N PRO B 130 2.23 6.18 34.69
CA PRO B 130 2.91 6.77 35.82
C PRO B 130 4.38 6.41 36.02
N HIS B 131 4.82 5.27 35.50
CA HIS B 131 6.16 4.73 35.82
C HIS B 131 7.17 4.87 34.69
N GLU B 132 8.36 5.37 35.03
CA GLU B 132 9.45 5.48 34.03
C GLU B 132 10.22 4.16 33.94
N HIS B 133 10.61 3.77 32.72
CA HIS B 133 11.29 2.50 32.50
C HIS B 133 12.03 2.42 31.17
N SER B 134 12.83 1.38 30.98
CA SER B 134 13.60 1.17 29.77
C SER B 134 13.10 0.02 28.88
N PHE B 135 11.93 -0.54 29.21
CA PHE B 135 11.39 -1.69 28.49
C PHE B 135 10.62 -1.28 27.25
N LEU B 136 11.36 -0.81 26.24
CA LEU B 136 10.77 -0.36 25.00
C LEU B 136 10.95 -1.37 23.88
N PRO B 137 9.99 -1.42 22.93
CA PRO B 137 10.11 -2.33 21.78
C PRO B 137 11.50 -2.32 21.11
N SER B 138 12.16 -1.15 21.03
CA SER B 138 13.50 -1.06 20.41
C SER B 138 14.61 -1.77 21.17
N SER B 139 14.41 -1.99 22.46
CA SER B 139 15.38 -2.72 23.28
C SER B 139 15.07 -4.21 23.29
N TYR B 140 13.91 -4.59 22.76
CA TYR B 140 13.47 -5.97 22.81
C TYR B 140 12.76 -6.40 21.54
N ARG B 141 13.42 -6.24 20.38
CA ARG B 141 12.85 -6.64 19.10
C ARG B 141 12.39 -8.09 19.21
N GLY B 142 11.22 -8.39 18.66
CA GLY B 142 10.68 -9.74 18.73
C GLY B 142 10.05 -10.16 20.05
N LYS B 143 10.14 -9.33 21.07
CA LYS B 143 9.44 -9.59 22.32
C LYS B 143 8.02 -8.97 22.41
N ASP B 144 7.57 -8.30 21.34
CA ASP B 144 6.22 -7.71 21.24
C ASP B 144 5.80 -6.81 22.43
N LEU B 145 6.70 -5.93 22.90
CA LEU B 145 6.29 -4.96 23.93
C LEU B 145 5.39 -3.85 23.35
N GLN B 146 4.19 -4.24 22.95
CA GLN B 146 3.28 -3.35 22.27
C GLN B 146 2.08 -3.07 23.13
N GLU B 147 1.27 -2.09 22.75
CA GLU B 147 0.11 -1.71 23.54
C GLU B 147 0.50 -1.74 25.01
N ASN B 148 -0.31 -2.44 25.80
CA ASN B 148 -0.02 -2.61 27.22
C ASN B 148 -0.11 -4.06 27.64
N TYR B 149 0.26 -4.97 26.74
CA TYR B 149 0.10 -6.40 26.98
C TYR B 149 1.05 -6.94 28.03
N CYS B 150 0.58 -7.90 28.82
CA CYS B 150 1.45 -8.60 29.77
C CYS B 150 2.53 -9.36 29.01
N ARG B 151 3.77 -9.16 29.44
CA ARG B 151 4.93 -9.73 28.76
C ARG B 151 6.01 -10.08 29.75
N ASN B 152 6.97 -10.87 29.29
CA ASN B 152 8.13 -11.25 30.08
C ASN B 152 9.35 -11.25 29.15
N PRO B 153 9.80 -10.04 28.75
CA PRO B 153 10.79 -9.91 27.66
C PRO B 153 12.15 -10.47 28.00
N ARG B 154 12.47 -10.55 29.28
CA ARG B 154 13.79 -11.02 29.68
C ARG B 154 13.73 -12.49 30.01
N GLY B 155 12.57 -13.10 29.85
CA GLY B 155 12.34 -14.51 30.25
C GLY B 155 12.59 -14.81 31.73
N GLU B 156 12.32 -13.84 32.61
CA GLU B 156 12.61 -13.98 34.04
C GLU B 156 11.57 -14.88 34.68
N GLU B 157 11.84 -15.32 35.90
CA GLU B 157 10.89 -16.17 36.60
C GLU B 157 9.85 -15.32 37.33
N GLY B 158 8.61 -15.79 37.28
CA GLY B 158 7.48 -15.04 37.82
C GLY B 158 6.42 -14.90 36.74
N GLY B 159 6.81 -15.15 35.50
CA GLY B 159 5.90 -15.07 34.36
C GLY B 159 5.72 -13.67 33.81
N PRO B 160 4.83 -13.51 32.82
CA PRO B 160 4.56 -12.21 32.23
C PRO B 160 4.04 -11.18 33.21
N TRP B 161 4.43 -9.93 32.99
CA TRP B 161 4.15 -8.83 33.90
C TRP B 161 3.97 -7.57 33.11
N CYS B 162 3.67 -6.47 33.81
CA CYS B 162 3.56 -5.17 33.17
C CYS B 162 3.71 -4.07 34.21
N PHE B 163 4.02 -2.85 33.77
CA PHE B 163 3.97 -1.71 34.69
C PHE B 163 2.49 -1.33 34.83
N THR B 164 2.02 -1.19 36.07
CA THR B 164 0.59 -0.99 36.28
C THR B 164 0.27 0.47 36.14
N SER B 165 -0.98 0.79 35.83
CA SER B 165 -1.41 2.18 35.69
C SER B 165 -1.77 2.79 37.04
N ASN B 166 -1.49 2.06 38.12
CA ASN B 166 -1.67 2.56 39.48
C ASN B 166 -0.36 3.19 39.92
N PRO B 167 -0.35 4.51 40.15
CA PRO B 167 0.86 5.23 40.54
C PRO B 167 1.55 4.60 41.73
N GLU B 168 0.78 3.93 42.58
CA GLU B 168 1.30 3.30 43.78
C GLU B 168 1.80 1.87 43.57
N VAL B 169 1.55 1.30 42.38
CA VAL B 169 2.06 -0.02 42.06
C VAL B 169 2.91 0.03 40.78
N ARG B 170 4.23 0.02 40.96
CA ARG B 170 5.14 0.14 39.83
C ARG B 170 4.92 -0.97 38.82
N TYR B 171 5.04 -2.21 39.27
CA TYR B 171 4.83 -3.38 38.42
C TYR B 171 4.11 -4.49 39.17
N GLU B 172 3.40 -5.33 38.43
CA GLU B 172 2.77 -6.54 38.99
C GLU B 172 2.74 -7.67 37.97
N VAL B 173 2.78 -8.91 38.45
CA VAL B 173 2.67 -10.04 37.53
C VAL B 173 1.23 -10.15 37.03
N CYS B 174 1.06 -10.79 35.88
CA CYS B 174 -0.27 -11.11 35.41
C CYS B 174 -0.51 -12.57 35.72
N ASP B 175 -1.77 -12.95 35.59
CA ASP B 175 -2.30 -14.23 35.99
C ASP B 175 -2.62 -14.99 34.70
N ILE B 176 -1.57 -15.43 34.00
CA ILE B 176 -1.76 -16.13 32.73
C ILE B 176 -1.48 -17.61 32.89
N PRO B 177 -2.46 -18.49 32.57
CA PRO B 177 -2.29 -19.91 32.85
C PRO B 177 -1.24 -20.63 31.98
N GLN B 178 -0.65 -21.68 32.55
CA GLN B 178 0.23 -22.61 31.86
C GLN B 178 -0.65 -23.51 31.00
N CYS B 179 -0.11 -23.97 29.88
CA CYS B 179 -0.86 -24.89 29.04
C CYS B 179 -0.92 -26.27 29.65
N SER B 180 0.03 -26.58 30.53
CA SER B 180 0.09 -27.89 31.22
C SER B 180 -1.11 -28.12 32.15
N GLU B 181 -1.70 -27.02 32.62
CA GLU B 181 -3.03 -26.94 33.27
C GLU B 181 -2.96 -26.12 34.56
N ARG C 9 -4.77 29.40 -22.61
CA ARG C 9 -4.98 28.33 -23.62
C ARG C 9 -4.92 26.94 -22.97
N ASN C 10 -5.38 25.93 -23.69
CA ASN C 10 -5.34 24.55 -23.20
C ASN C 10 -3.94 23.98 -23.18
N THR C 11 -3.64 23.24 -22.12
CA THR C 11 -2.36 22.56 -21.98
C THR C 11 -2.58 21.08 -21.67
N ILE C 12 -3.84 20.70 -21.45
CA ILE C 12 -4.21 19.32 -21.13
C ILE C 12 -3.71 18.32 -22.18
N HIS C 13 -3.68 18.79 -23.43
CA HIS C 13 -3.23 17.99 -24.55
C HIS C 13 -1.72 17.76 -24.52
N GLU C 14 -0.99 18.58 -23.76
CA GLU C 14 0.45 18.41 -23.57
C GLU C 14 0.80 17.36 -22.51
N PHE C 15 -0.21 16.72 -21.90
CA PHE C 15 0.02 15.72 -20.84
C PHE C 15 -0.16 14.30 -21.38
N LYS C 16 0.50 13.32 -20.78
CA LYS C 16 0.27 11.92 -21.12
C LYS C 16 -0.94 11.37 -20.39
N LYS C 17 -2.06 11.24 -21.09
CA LYS C 17 -3.34 10.80 -20.47
C LYS C 17 -3.49 9.29 -20.41
N SER C 18 -3.76 8.78 -19.20
CA SER C 18 -4.13 7.39 -18.92
C SER C 18 -5.56 7.34 -18.36
N ALA C 19 -6.48 6.79 -19.14
CA ALA C 19 -7.89 6.73 -18.75
C ALA C 19 -8.05 5.79 -17.58
N LYS C 20 -9.13 6.00 -16.81
CA LYS C 20 -9.55 5.09 -15.73
C LYS C 20 -8.44 4.76 -14.73
N THR C 21 -7.52 5.70 -14.53
CA THR C 21 -6.38 5.50 -13.64
C THR C 21 -6.27 6.62 -12.60
N THR C 22 -5.97 6.25 -11.37
CA THR C 22 -5.53 7.24 -10.41
C THR C 22 -4.22 6.80 -9.79
N LEU C 23 -3.72 7.62 -8.88
CA LEU C 23 -2.52 7.33 -8.12
C LEU C 23 -2.87 7.39 -6.66
N ILE C 24 -2.34 6.45 -5.90
CA ILE C 24 -2.54 6.44 -4.47
C ILE C 24 -1.16 6.53 -3.82
N LYS C 25 -1.02 7.41 -2.84
CA LYS C 25 0.28 7.52 -2.17
C LYS C 25 0.45 6.55 -1.01
N ILE C 26 1.36 5.59 -1.16
CA ILE C 26 1.82 4.74 -0.06
C ILE C 26 2.55 5.57 1.01
N ASP C 27 3.69 6.15 0.65
CA ASP C 27 4.53 6.90 1.57
C ASP C 27 3.85 8.21 2.01
N PRO C 28 3.60 8.34 3.34
CA PRO C 28 3.02 9.55 3.97
C PRO C 28 3.85 10.84 3.89
N ALA C 29 5.15 10.75 3.60
CA ALA C 29 5.99 11.94 3.36
C ALA C 29 5.59 12.71 2.09
N LEU C 30 5.10 11.97 1.08
CA LEU C 30 4.71 12.56 -0.18
C LEU C 30 3.52 13.49 -0.01
N LYS C 31 3.58 14.62 -0.68
CA LYS C 31 2.57 15.66 -0.50
C LYS C 31 1.54 15.71 -1.60
N ILE C 32 0.46 16.43 -1.35
CA ILE C 32 -0.67 16.46 -2.26
C ILE C 32 -1.39 17.80 -2.15
N LYS C 33 -2.10 18.15 -3.21
CA LYS C 33 -2.99 19.28 -3.16
C LYS C 33 -4.21 18.96 -4.01
N THR C 34 -5.38 19.25 -3.46
CA THR C 34 -6.66 18.96 -4.10
C THR C 34 -7.48 20.23 -4.26
N LYS C 35 -8.44 20.19 -5.17
CA LYS C 35 -9.44 21.26 -5.30
C LYS C 35 -10.62 20.80 -6.15
N LYS C 36 -11.84 21.12 -5.72
CA LYS C 36 -13.03 20.97 -6.56
C LYS C 36 -12.99 22.06 -7.62
N VAL C 37 -13.25 21.66 -8.86
CA VAL C 37 -13.28 22.57 -10.00
C VAL C 37 -14.40 22.09 -10.92
N ASN C 38 -14.49 22.65 -12.12
CA ASN C 38 -15.49 22.21 -13.08
C ASN C 38 -14.98 21.21 -14.11
N THR C 39 -13.73 21.38 -14.55
CA THR C 39 -13.20 20.62 -15.69
C THR C 39 -11.75 20.21 -15.50
N ALA C 40 -11.33 19.17 -16.20
CA ALA C 40 -9.95 18.68 -16.13
C ALA C 40 -9.01 19.80 -16.55
N ASP C 41 -9.41 20.55 -17.58
CA ASP C 41 -8.69 21.69 -18.11
C ASP C 41 -8.13 22.61 -17.05
N GLN C 42 -8.95 22.92 -16.04
CA GLN C 42 -8.52 23.82 -14.97
C GLN C 42 -7.40 23.21 -14.13
N CYS C 43 -7.45 21.89 -13.91
CA CYS C 43 -6.34 21.18 -13.27
C CYS C 43 -5.06 21.34 -14.07
N ALA C 44 -5.17 21.17 -15.38
CA ALA C 44 -4.02 21.18 -16.26
C ALA C 44 -3.33 22.53 -16.23
N ASN C 45 -4.13 23.58 -16.38
CA ASN C 45 -3.56 24.92 -16.45
C ASN C 45 -2.90 25.29 -15.13
N ARG C 46 -3.51 24.88 -14.03
CA ARG C 46 -2.91 25.14 -12.73
C ARG C 46 -1.67 24.30 -12.55
N CYS C 47 -1.70 23.05 -13.00
CA CYS C 47 -0.51 22.22 -12.95
C CYS C 47 0.62 22.79 -13.82
N THR C 48 0.32 23.10 -15.09
CA THR C 48 1.30 23.69 -16.01
C THR C 48 1.98 24.98 -15.51
N ARG C 49 1.18 25.93 -15.01
CA ARG C 49 1.73 27.19 -14.53
C ARG C 49 2.36 27.00 -13.16
N ASN C 50 1.96 25.93 -12.49
CA ASN C 50 2.42 25.56 -11.16
C ASN C 50 2.12 26.63 -10.13
N LYS C 51 1.06 27.40 -10.39
CA LYS C 51 0.64 28.45 -9.48
C LYS C 51 -0.08 27.83 -8.31
N GLY C 52 0.24 28.29 -7.11
CA GLY C 52 -0.49 27.89 -5.90
C GLY C 52 -0.26 26.46 -5.45
N LEU C 53 0.82 25.87 -5.96
CA LEU C 53 1.22 24.51 -5.61
C LEU C 53 2.59 24.54 -4.92
N PRO C 54 2.67 24.08 -3.67
CA PRO C 54 3.93 24.10 -2.91
C PRO C 54 4.91 22.99 -3.30
N PHE C 55 4.97 22.66 -4.58
CA PHE C 55 5.89 21.62 -5.07
C PHE C 55 5.87 21.62 -6.58
N THR C 56 6.77 20.85 -7.19
CA THR C 56 6.81 20.65 -8.63
C THR C 56 5.68 19.71 -9.06
N CYS C 57 4.75 20.21 -9.86
CA CYS C 57 3.66 19.40 -10.34
C CYS C 57 4.15 18.50 -11.46
N LYS C 58 4.15 17.19 -11.21
CA LYS C 58 4.60 16.21 -12.20
C LYS C 58 3.46 15.40 -12.80
N ALA C 59 2.26 15.57 -12.25
CA ALA C 59 1.07 14.82 -12.66
C ALA C 59 -0.12 15.30 -11.85
N PHE C 60 -1.32 15.03 -12.39
CA PHE C 60 -2.58 15.29 -11.71
C PHE C 60 -3.63 14.28 -12.17
N VAL C 61 -4.66 14.10 -11.36
CA VAL C 61 -5.79 13.25 -11.70
C VAL C 61 -7.05 14.13 -11.66
N PHE C 62 -7.95 13.93 -12.61
CA PHE C 62 -9.24 14.53 -12.50
C PHE C 62 -10.19 13.45 -12.00
N ASP C 63 -10.95 13.77 -10.97
CA ASP C 63 -11.97 12.88 -10.46
C ASP C 63 -13.26 13.38 -11.09
N LYS C 64 -13.80 12.62 -12.04
CA LYS C 64 -14.98 13.07 -12.79
C LYS C 64 -16.24 12.92 -11.96
N ALA C 65 -16.17 12.09 -10.92
CA ALA C 65 -17.30 11.83 -10.01
C ALA C 65 -17.48 12.95 -9.02
N ARG C 66 -16.40 13.38 -8.38
CA ARG C 66 -16.46 14.45 -7.40
C ARG C 66 -16.15 15.80 -8.04
N LYS C 67 -15.61 15.76 -9.25
CA LYS C 67 -15.10 16.93 -9.98
C LYS C 67 -13.96 17.62 -9.22
N GLN C 68 -12.83 16.93 -9.11
CA GLN C 68 -11.77 17.34 -8.20
C GLN C 68 -10.40 17.05 -8.77
N CYS C 69 -9.56 18.08 -8.86
CA CYS C 69 -8.15 17.92 -9.24
C CYS C 69 -7.38 17.34 -8.09
N LEU C 70 -6.52 16.37 -8.37
CA LEU C 70 -5.51 15.95 -7.40
C LEU C 70 -4.16 16.33 -8.00
N TRP C 71 -3.36 17.11 -7.30
CA TRP C 71 -2.07 17.51 -7.85
C TRP C 71 -0.93 16.81 -7.14
N PHE C 72 0.04 16.33 -7.90
CA PHE C 72 1.16 15.56 -7.35
C PHE C 72 2.56 16.07 -7.70
N PRO C 73 3.49 15.96 -6.74
CA PRO C 73 4.91 16.06 -7.07
C PRO C 73 5.53 14.70 -7.44
N PHE C 74 4.77 13.80 -8.05
CA PHE C 74 5.29 12.49 -8.43
C PHE C 74 4.46 11.97 -9.58
N ASN C 75 4.97 10.99 -10.32
CA ASN C 75 4.10 10.32 -11.29
C ASN C 75 3.90 8.84 -10.99
N SER C 76 3.53 8.08 -12.01
CA SER C 76 3.27 6.66 -11.83
C SER C 76 4.57 5.85 -11.69
N MET C 77 5.72 6.45 -11.98
CA MET C 77 6.98 5.74 -11.88
C MET C 77 7.70 5.99 -10.55
N SER C 78 7.22 6.94 -9.75
CA SER C 78 7.90 7.24 -8.49
C SER C 78 7.56 6.23 -7.41
N SER C 79 8.56 5.78 -6.67
CA SER C 79 8.28 4.89 -5.53
C SER C 79 7.50 5.62 -4.41
N GLY C 80 6.81 4.83 -3.58
CA GLY C 80 5.81 5.34 -2.62
C GLY C 80 4.42 5.61 -3.23
N VAL C 81 4.20 5.13 -4.45
CA VAL C 81 3.02 5.44 -5.24
C VAL C 81 2.56 4.23 -6.05
N LYS C 82 1.26 3.94 -6.00
CA LYS C 82 0.70 2.85 -6.81
C LYS C 82 -0.29 3.38 -7.83
N LYS C 83 -0.23 2.84 -9.05
CA LYS C 83 -1.27 3.02 -10.07
C LYS C 83 -2.49 2.22 -9.64
N GLU C 84 -3.66 2.81 -9.75
CA GLU C 84 -4.85 2.03 -9.46
C GLU C 84 -5.97 2.35 -10.42
N PHE C 85 -6.72 1.32 -10.80
CA PHE C 85 -7.83 1.46 -11.72
C PHE C 85 -8.99 2.16 -11.04
N GLY C 86 -9.78 2.91 -11.82
CA GLY C 86 -11.02 3.49 -11.31
C GLY C 86 -11.79 4.19 -12.42
N HIS C 87 -13.07 3.83 -12.59
CA HIS C 87 -13.86 4.36 -13.71
C HIS C 87 -13.83 5.88 -13.81
N GLU C 88 -13.86 6.55 -12.65
CA GLU C 88 -14.12 7.97 -12.58
C GLU C 88 -12.86 8.82 -12.67
N PHE C 89 -11.69 8.18 -12.66
CA PHE C 89 -10.41 8.89 -12.68
C PHE C 89 -9.74 8.91 -14.05
N ASP C 90 -9.14 10.06 -14.37
CA ASP C 90 -8.20 10.16 -15.48
C ASP C 90 -6.86 10.68 -14.98
N LEU C 91 -5.79 9.99 -15.40
CA LEU C 91 -4.42 10.37 -15.07
C LEU C 91 -3.75 11.19 -16.16
N TYR C 92 -3.07 12.25 -15.73
CA TYR C 92 -2.41 13.19 -16.62
C TYR C 92 -1.00 13.40 -16.13
N GLU C 93 -0.02 12.89 -16.87
CA GLU C 93 1.39 12.97 -16.47
C GLU C 93 2.18 13.99 -17.28
N ASN C 94 3.03 14.75 -16.59
CA ASN C 94 3.80 15.81 -17.22
C ASN C 94 4.96 15.18 -17.98
N LYS C 95 5.09 15.50 -19.26
CA LYS C 95 6.11 14.84 -20.11
C LYS C 95 7.54 15.08 -19.66
N ASP C 96 7.77 16.21 -18.97
CA ASP C 96 9.09 16.56 -18.48
C ASP C 96 9.67 15.61 -17.46
N TYR C 97 8.81 14.79 -16.86
CA TYR C 97 9.22 13.84 -15.84
C TYR C 97 8.91 12.40 -16.24
N ILE C 98 8.71 12.17 -17.53
CA ILE C 98 8.63 10.80 -18.06
C ILE C 98 9.86 10.59 -18.89
N ARG C 99 10.76 9.72 -18.44
CA ARG C 99 12.08 9.64 -19.08
C ARG C 99 11.92 9.54 -20.58
N ASN C 100 12.65 10.37 -21.32
CA ASN C 100 12.50 10.41 -22.78
C ASN C 100 13.74 9.92 -23.53
N CYS C 101 14.49 9.03 -22.90
CA CYS C 101 15.64 8.36 -23.49
C CYS C 101 15.67 6.98 -22.89
N ILE C 102 16.29 6.04 -23.58
CA ILE C 102 16.21 4.64 -23.14
C ILE C 102 17.40 4.23 -22.30
N ILE C 103 17.13 3.43 -21.28
CA ILE C 103 18.15 2.77 -20.47
C ILE C 103 18.28 1.33 -20.96
N GLY C 104 19.45 1.00 -21.50
CA GLY C 104 19.72 -0.34 -22.01
C GLY C 104 18.97 -0.63 -23.29
N GLU C 105 18.04 -1.57 -23.24
CA GLU C 105 17.25 -1.92 -24.43
C GLU C 105 15.88 -1.25 -24.41
N GLY C 106 15.52 -0.67 -23.26
CA GLY C 106 14.29 0.10 -23.13
C GLY C 106 13.04 -0.71 -22.82
N GLU C 107 13.21 -1.81 -22.08
CA GLU C 107 12.07 -2.58 -21.59
C GLU C 107 11.19 -1.73 -20.66
N SER C 108 11.72 -0.58 -20.24
CA SER C 108 11.00 0.27 -19.31
C SER C 108 10.74 1.69 -19.86
N TYR C 109 10.90 1.87 -21.17
CA TYR C 109 10.52 3.12 -21.82
C TYR C 109 9.01 3.35 -21.74
N LYS C 110 8.61 4.55 -21.31
CA LYS C 110 7.18 4.89 -21.13
C LYS C 110 6.76 6.25 -21.72
N GLY C 111 7.63 6.80 -22.56
CA GLY C 111 7.36 8.08 -23.24
C GLY C 111 6.36 7.94 -24.36
N THR C 112 6.03 9.05 -24.99
CA THR C 112 4.93 9.09 -25.97
C THR C 112 5.34 9.20 -27.44
N VAL C 113 6.60 8.86 -27.74
CA VAL C 113 7.06 8.72 -29.10
C VAL C 113 6.22 7.63 -29.75
N SER C 114 5.50 7.98 -30.82
CA SER C 114 4.60 7.04 -31.49
C SER C 114 4.98 6.77 -32.93
N ILE C 115 6.25 6.99 -33.24
CA ILE C 115 6.74 6.97 -34.62
C ILE C 115 7.90 6.01 -34.79
N THR C 116 7.91 5.34 -35.94
CA THR C 116 9.01 4.47 -36.35
C THR C 116 10.18 5.30 -36.88
N LYS C 117 11.36 4.69 -36.87
CA LYS C 117 12.61 5.32 -37.32
C LYS C 117 12.48 6.03 -38.68
N SER C 118 11.66 5.47 -39.58
CA SER C 118 11.54 5.99 -40.94
C SER C 118 10.34 6.92 -41.17
N GLY C 119 9.52 7.10 -40.14
CA GLY C 119 8.45 8.11 -40.15
C GLY C 119 7.03 7.60 -40.14
N ILE C 120 6.86 6.28 -40.04
CA ILE C 120 5.52 5.70 -40.03
C ILE C 120 4.83 5.80 -38.66
N LYS C 121 3.58 6.27 -38.66
CA LYS C 121 2.78 6.36 -37.44
C LYS C 121 2.43 4.94 -36.98
N CYS C 122 2.56 4.67 -35.69
CA CYS C 122 2.37 3.30 -35.20
C CYS C 122 0.92 2.83 -35.20
N GLN C 123 0.72 1.53 -35.30
CA GLN C 123 -0.60 0.92 -35.08
C GLN C 123 -0.85 0.86 -33.56
N PRO C 124 -2.06 1.24 -33.11
CA PRO C 124 -2.47 0.99 -31.73
C PRO C 124 -2.39 -0.49 -31.34
N TRP C 125 -1.81 -0.77 -30.18
CA TRP C 125 -1.62 -2.13 -29.71
C TRP C 125 -2.94 -2.89 -29.54
N SER C 126 -4.03 -2.19 -29.25
CA SER C 126 -5.37 -2.80 -29.12
C SER C 126 -5.95 -3.13 -30.48
N SER C 127 -5.56 -2.36 -31.50
CA SER C 127 -5.98 -2.58 -32.87
C SER C 127 -5.32 -3.87 -33.42
N MET C 128 -6.04 -4.55 -34.33
CA MET C 128 -5.55 -5.72 -35.07
C MET C 128 -5.43 -5.40 -36.57
N ILE C 129 -5.81 -4.16 -36.92
CA ILE C 129 -5.68 -3.60 -38.27
C ILE C 129 -4.47 -2.66 -38.27
N PRO C 130 -3.56 -2.80 -39.26
CA PRO C 130 -3.55 -3.84 -40.30
C PRO C 130 -2.89 -5.17 -39.91
N HIS C 131 -2.29 -5.26 -38.73
CA HIS C 131 -1.57 -6.49 -38.35
C HIS C 131 -2.11 -7.19 -37.08
N GLU C 132 -2.34 -8.48 -37.19
CA GLU C 132 -2.73 -9.32 -36.06
C GLU C 132 -1.48 -9.67 -35.25
N HIS C 133 -1.55 -9.51 -33.93
CA HIS C 133 -0.39 -9.83 -33.09
C HIS C 133 -0.78 -10.34 -31.70
N SER C 134 0.23 -10.71 -30.92
CA SER C 134 0.03 -11.26 -29.57
C SER C 134 -0.02 -10.17 -28.50
N PHE C 135 0.82 -9.15 -28.69
CA PHE C 135 1.16 -8.16 -27.66
C PHE C 135 0.00 -7.24 -27.29
N LEU C 136 -0.83 -7.73 -26.38
CA LEU C 136 -1.90 -6.94 -25.84
C LEU C 136 -1.54 -6.63 -24.41
N PRO C 137 -1.87 -5.41 -23.97
CA PRO C 137 -1.68 -4.92 -22.61
C PRO C 137 -1.99 -5.99 -21.55
N SER C 138 -3.02 -6.79 -21.80
CA SER C 138 -3.53 -7.78 -20.84
C SER C 138 -2.59 -8.97 -20.58
N SER C 139 -1.89 -9.43 -21.60
CA SER C 139 -0.88 -10.47 -21.41
C SER C 139 0.52 -9.86 -21.26
N TYR C 140 0.56 -8.52 -21.19
CA TYR C 140 1.79 -7.79 -20.88
C TYR C 140 1.49 -6.69 -19.86
N ARG C 141 0.88 -7.10 -18.76
CA ARG C 141 0.56 -6.21 -17.66
C ARG C 141 1.81 -5.47 -17.21
N GLY C 142 1.70 -4.15 -17.07
CA GLY C 142 2.80 -3.29 -16.59
C GLY C 142 3.84 -2.90 -17.62
N LYS C 143 3.48 -3.01 -18.89
CA LYS C 143 4.40 -2.70 -19.99
C LYS C 143 3.84 -1.57 -20.86
N ASP C 144 2.79 -0.91 -20.36
CA ASP C 144 2.17 0.26 -21.00
C ASP C 144 2.09 0.15 -22.53
N LEU C 145 1.44 -0.91 -23.00
CA LEU C 145 1.15 -1.10 -24.41
C LEU C 145 -0.17 -0.41 -24.74
N GLN C 146 -0.16 0.92 -24.58
CA GLN C 146 -1.35 1.78 -24.71
C GLN C 146 -1.18 2.64 -25.94
N GLU C 147 -2.23 3.38 -26.32
CA GLU C 147 -2.21 4.09 -27.60
C GLU C 147 -1.39 3.35 -28.66
N ASN C 148 -0.41 4.04 -29.20
CA ASN C 148 0.47 3.51 -30.22
C ASN C 148 1.93 3.90 -29.90
N TYR C 149 2.34 3.64 -28.67
CA TYR C 149 3.65 4.08 -28.22
C TYR C 149 4.73 3.08 -28.55
N CYS C 150 5.88 3.58 -28.94
CA CYS C 150 7.04 2.73 -29.16
C CYS C 150 7.35 1.98 -27.89
N ARG C 151 7.40 0.66 -27.97
CA ARG C 151 7.68 -0.14 -26.79
C ARG C 151 8.60 -1.34 -27.07
N ASN C 152 9.13 -1.93 -26.00
CA ASN C 152 9.94 -3.15 -26.04
C ASN C 152 9.52 -4.06 -24.88
N PRO C 153 8.36 -4.71 -25.01
CA PRO C 153 7.73 -5.44 -23.90
C PRO C 153 8.43 -6.73 -23.45
N ARG C 154 9.24 -7.34 -24.33
CA ARG C 154 10.04 -8.51 -23.95
C ARG C 154 11.52 -8.18 -23.75
N GLY C 155 11.86 -6.88 -23.72
CA GLY C 155 13.24 -6.42 -23.54
C GLY C 155 14.23 -6.95 -24.57
N GLU C 156 13.79 -7.08 -25.82
CA GLU C 156 14.61 -7.62 -26.90
C GLU C 156 15.61 -6.60 -27.47
N GLU C 157 16.49 -7.10 -28.35
CA GLU C 157 17.41 -6.27 -29.14
C GLU C 157 16.69 -5.22 -29.97
N GLY C 158 17.42 -4.17 -30.34
CA GLY C 158 16.88 -3.12 -31.20
C GLY C 158 16.03 -2.11 -30.46
N GLY C 159 15.89 -2.30 -29.16
CA GLY C 159 15.14 -1.38 -28.31
C GLY C 159 13.66 -1.26 -28.64
N PRO C 160 13.08 -0.08 -28.34
CA PRO C 160 11.70 0.24 -28.65
C PRO C 160 11.40 0.13 -30.11
N TRP C 161 10.20 -0.37 -30.39
CA TRP C 161 9.69 -0.67 -31.71
C TRP C 161 8.18 -0.58 -31.62
N CYS C 162 7.50 -0.70 -32.75
CA CYS C 162 6.04 -0.78 -32.78
C CYS C 162 5.53 -1.55 -34.00
N PHE C 163 4.22 -1.68 -34.12
CA PHE C 163 3.58 -2.12 -35.38
C PHE C 163 3.19 -0.88 -36.16
N THR C 164 3.28 -0.99 -37.48
CA THR C 164 3.33 0.17 -38.35
C THR C 164 1.95 0.57 -38.88
N SER C 165 1.83 1.83 -39.29
CA SER C 165 0.63 2.35 -39.96
C SER C 165 0.38 1.62 -41.30
N ASN C 166 1.44 1.40 -42.06
CA ASN C 166 1.35 0.82 -43.41
C ASN C 166 1.32 -0.70 -43.45
N PRO C 167 0.46 -1.26 -44.33
CA PRO C 167 0.24 -2.70 -44.35
C PRO C 167 1.37 -3.45 -45.07
N GLU C 168 2.34 -2.69 -45.60
CA GLU C 168 3.52 -3.28 -46.24
C GLU C 168 4.61 -3.59 -45.21
N VAL C 169 4.71 -2.73 -44.18
CA VAL C 169 5.69 -2.93 -43.08
C VAL C 169 4.98 -3.30 -41.77
N ARG C 170 5.30 -4.49 -41.24
CA ARG C 170 4.69 -4.98 -40.01
C ARG C 170 5.23 -4.24 -38.77
N TYR C 171 6.53 -4.39 -38.53
CA TYR C 171 7.15 -3.78 -37.36
C TYR C 171 8.40 -3.04 -37.79
N GLU C 172 8.64 -1.92 -37.11
CA GLU C 172 9.87 -1.17 -37.27
C GLU C 172 10.33 -0.65 -35.92
N VAL C 173 11.64 -0.51 -35.78
CA VAL C 173 12.21 0.13 -34.59
C VAL C 173 11.85 1.61 -34.59
N CYS C 174 11.77 2.17 -33.38
CA CYS C 174 11.64 3.60 -33.21
C CYS C 174 13.00 4.23 -32.98
N ASP C 175 13.09 5.54 -33.23
CA ASP C 175 14.35 6.24 -33.11
C ASP C 175 14.45 7.02 -31.80
N ILE C 176 14.64 6.31 -30.69
CA ILE C 176 14.82 6.95 -29.38
C ILE C 176 16.29 6.95 -28.92
N PRO C 177 16.79 8.10 -28.45
CA PRO C 177 18.19 8.15 -28.04
C PRO C 177 18.47 7.43 -26.72
N GLN C 178 19.69 6.96 -26.57
CA GLN C 178 20.17 6.38 -25.32
C GLN C 178 20.43 7.52 -24.36
N CYS C 179 20.08 7.31 -23.10
CA CYS C 179 20.40 8.32 -22.10
C CYS C 179 21.89 8.60 -22.13
N SER C 180 22.70 7.54 -22.11
CA SER C 180 24.17 7.63 -22.16
C SER C 180 24.74 8.48 -23.31
N GLU C 181 23.91 8.72 -24.34
CA GLU C 181 24.06 9.87 -25.29
C GLU C 181 23.96 9.49 -26.77
N HIS D 13 5.61 26.02 -29.73
CA HIS D 13 6.48 26.66 -28.69
C HIS D 13 7.28 25.64 -27.87
N GLU D 14 7.05 24.35 -28.12
CA GLU D 14 7.79 23.25 -27.45
C GLU D 14 9.18 23.14 -28.03
N PHE D 15 9.94 24.23 -27.89
CA PHE D 15 11.18 24.40 -28.64
C PHE D 15 12.14 25.31 -27.92
N LYS D 16 13.17 24.69 -27.36
CA LYS D 16 14.33 25.42 -26.89
C LYS D 16 15.09 26.03 -28.09
N LYS D 17 14.99 27.37 -28.24
CA LYS D 17 15.62 28.13 -29.32
C LYS D 17 17.13 28.40 -29.11
N SER D 18 17.86 28.59 -30.21
CA SER D 18 19.29 29.02 -30.19
C SER D 18 19.60 30.10 -31.24
N ALA D 19 19.99 31.26 -30.75
CA ALA D 19 20.22 32.43 -31.62
C ALA D 19 21.48 32.27 -32.45
N LYS D 20 21.38 32.60 -33.74
CA LYS D 20 22.50 32.62 -34.69
C LYS D 20 23.20 31.27 -34.88
N THR D 21 22.40 30.21 -35.00
CA THR D 21 22.93 28.85 -35.07
C THR D 21 22.18 28.00 -36.09
N THR D 22 22.98 27.21 -36.81
CA THR D 22 22.50 26.22 -37.75
C THR D 22 23.20 24.90 -37.41
N LEU D 23 22.74 23.83 -38.03
CA LEU D 23 23.41 22.55 -37.91
C LEU D 23 24.08 22.15 -39.22
N ILE D 24 25.14 21.37 -39.12
CA ILE D 24 25.75 20.79 -40.30
C ILE D 24 25.92 19.29 -40.13
N LYS D 25 25.64 18.59 -41.22
CA LYS D 25 25.76 17.14 -41.32
C LYS D 25 27.20 16.71 -41.63
N ILE D 26 28.05 16.73 -40.60
CA ILE D 26 29.42 16.22 -40.68
C ILE D 26 29.41 14.70 -40.76
N ASP D 27 29.60 14.18 -41.98
CA ASP D 27 29.33 12.77 -42.28
C ASP D 27 27.90 12.73 -42.79
N PRO D 28 27.70 13.37 -43.95
CA PRO D 28 26.36 13.63 -44.48
C PRO D 28 25.66 12.42 -45.08
N ALA D 29 25.50 11.37 -44.28
CA ALA D 29 24.58 10.28 -44.59
C ALA D 29 23.22 10.66 -44.04
N LEU D 30 23.23 11.68 -43.17
CA LEU D 30 22.01 12.22 -42.56
C LEU D 30 21.14 12.96 -43.58
N LYS D 31 19.94 13.35 -43.14
CA LYS D 31 18.87 13.76 -44.05
C LYS D 31 18.22 15.08 -43.65
N ILE D 32 17.88 15.90 -44.63
CA ILE D 32 17.27 17.21 -44.40
C ILE D 32 16.13 17.44 -45.37
N LYS D 33 14.99 17.89 -44.85
CA LYS D 33 13.90 18.38 -45.68
C LYS D 33 13.82 19.89 -45.55
N THR D 34 13.42 20.55 -46.62
CA THR D 34 13.35 22.02 -46.67
C THR D 34 12.08 22.49 -47.36
N LYS D 35 11.59 23.66 -46.97
CA LYS D 35 10.53 24.37 -47.68
C LYS D 35 10.72 25.88 -47.56
N LYS D 36 10.45 26.59 -48.66
CA LYS D 36 10.41 28.04 -48.66
C LYS D 36 9.15 28.47 -47.90
N VAL D 37 9.35 28.98 -46.68
CA VAL D 37 8.25 29.41 -45.83
C VAL D 37 8.10 30.92 -45.84
N ASN D 38 7.15 31.44 -45.08
CA ASN D 38 7.02 32.87 -44.83
C ASN D 38 7.36 33.17 -43.38
N THR D 39 6.92 32.25 -42.51
CA THR D 39 7.08 32.35 -41.06
C THR D 39 7.83 31.13 -40.50
N ALA D 40 8.56 31.32 -39.41
CA ALA D 40 9.15 30.20 -38.69
C ALA D 40 8.05 29.39 -37.99
N ASP D 41 6.85 29.97 -37.93
CA ASP D 41 5.66 29.35 -37.32
C ASP D 41 5.18 28.13 -38.09
N GLN D 42 5.46 28.08 -39.39
CA GLN D 42 5.20 26.89 -40.22
C GLN D 42 6.20 25.77 -39.94
N CYS D 43 7.48 26.13 -39.82
CA CYS D 43 8.56 25.17 -39.56
C CYS D 43 8.34 24.40 -38.26
N ALA D 44 7.87 25.11 -37.22
CA ALA D 44 7.52 24.50 -35.94
C ALA D 44 6.25 23.65 -36.07
N ASN D 45 5.29 24.16 -36.84
CA ASN D 45 4.03 23.47 -37.06
C ASN D 45 4.24 22.05 -37.57
N ARG D 46 4.96 21.94 -38.70
CA ARG D 46 5.08 20.67 -39.41
C ARG D 46 5.96 19.65 -38.70
N CYS D 47 6.99 20.15 -38.02
CA CYS D 47 7.92 19.31 -37.27
C CYS D 47 7.19 18.53 -36.19
N THR D 48 6.44 19.26 -35.37
CA THR D 48 5.55 18.71 -34.34
C THR D 48 4.58 17.69 -34.94
N ARG D 49 4.08 18.00 -36.14
CA ARG D 49 3.06 17.22 -36.80
C ARG D 49 3.60 15.97 -37.50
N ASN D 50 4.79 16.09 -38.10
CA ASN D 50 5.55 14.95 -38.68
C ASN D 50 4.86 14.24 -39.84
N LYS D 51 4.42 15.02 -40.82
CA LYS D 51 3.82 14.49 -42.05
C LYS D 51 4.71 14.82 -43.23
N GLY D 52 4.81 13.89 -44.18
CA GLY D 52 5.69 14.05 -45.35
C GLY D 52 7.17 14.15 -44.99
N LEU D 53 7.56 13.49 -43.90
CA LEU D 53 8.96 13.45 -43.47
C LEU D 53 9.48 12.01 -43.37
N PRO D 54 10.52 11.67 -44.14
CA PRO D 54 11.12 10.33 -44.12
C PRO D 54 11.91 10.02 -42.85
N PHE D 55 11.56 10.71 -41.75
CA PHE D 55 12.27 10.60 -40.48
C PHE D 55 11.47 11.25 -39.34
N THR D 56 11.94 11.05 -38.11
CA THR D 56 11.38 11.74 -36.95
C THR D 56 12.03 13.10 -36.87
N CYS D 57 11.23 14.16 -37.02
CA CYS D 57 11.74 15.54 -36.90
C CYS D 57 12.12 15.84 -35.45
N LYS D 58 13.38 16.22 -35.23
CA LYS D 58 13.84 16.47 -33.87
C LYS D 58 14.13 17.93 -33.62
N ALA D 59 14.27 18.70 -34.70
CA ALA D 59 14.66 20.11 -34.62
C ALA D 59 14.64 20.77 -35.99
N PHE D 60 14.60 22.10 -36.00
CA PHE D 60 14.74 22.85 -37.24
C PHE D 60 15.52 24.17 -37.09
N VAL D 61 15.95 24.74 -38.21
CA VAL D 61 16.48 26.09 -38.25
C VAL D 61 15.56 26.99 -39.08
N PHE D 62 15.54 28.28 -38.77
CA PHE D 62 14.91 29.27 -39.65
C PHE D 62 15.97 30.22 -40.23
N ASP D 63 16.09 30.18 -41.56
CA ASP D 63 16.89 31.13 -42.30
C ASP D 63 16.04 32.39 -42.45
N LYS D 64 16.30 33.39 -41.61
CA LYS D 64 15.54 34.64 -41.61
C LYS D 64 16.20 35.69 -42.51
N ALA D 65 16.61 35.23 -43.69
CA ALA D 65 17.12 36.09 -44.77
C ALA D 65 16.69 35.50 -46.12
N ARG D 66 16.65 34.16 -46.19
CA ARG D 66 16.13 33.40 -47.34
C ARG D 66 14.69 32.93 -47.13
N LYS D 67 14.15 33.19 -45.93
CA LYS D 67 12.78 32.82 -45.57
C LYS D 67 12.60 31.30 -45.71
N GLN D 68 13.36 30.51 -44.93
CA GLN D 68 13.43 29.06 -45.15
C GLN D 68 13.41 28.18 -43.90
N CYS D 69 12.84 26.97 -44.02
CA CYS D 69 12.90 25.96 -42.96
C CYS D 69 13.97 24.92 -43.24
N LEU D 70 14.55 24.38 -42.18
CA LEU D 70 15.51 23.27 -42.29
C LEU D 70 15.18 22.16 -41.27
N TRP D 71 14.34 21.21 -41.66
CA TRP D 71 13.91 20.13 -40.78
C TRP D 71 14.97 19.05 -40.62
N PHE D 72 15.18 18.61 -39.38
CA PHE D 72 16.24 17.65 -39.08
C PHE D 72 15.73 16.43 -38.32
N PRO D 73 16.40 15.28 -38.54
CA PRO D 73 16.29 14.11 -37.66
C PRO D 73 17.33 14.11 -36.53
N PHE D 74 17.84 15.30 -36.18
CA PHE D 74 18.84 15.45 -35.13
C PHE D 74 18.73 16.81 -34.44
N ASN D 75 19.61 17.06 -33.47
CA ASN D 75 19.72 18.32 -32.76
C ASN D 75 21.18 18.52 -32.38
N SER D 76 21.48 19.60 -31.65
CA SER D 76 22.83 19.86 -31.14
C SER D 76 23.48 18.60 -30.62
N MET D 77 22.83 17.94 -29.66
CA MET D 77 23.44 16.81 -28.94
C MET D 77 23.44 15.46 -29.69
N SER D 78 23.24 15.48 -31.00
CA SER D 78 23.43 14.26 -31.81
C SER D 78 24.91 14.09 -32.18
N SER D 79 25.28 12.88 -32.60
CA SER D 79 26.62 12.65 -33.14
C SER D 79 26.64 12.94 -34.64
N GLY D 80 27.82 13.21 -35.17
CA GLY D 80 27.98 13.52 -36.59
C GLY D 80 27.33 14.84 -37.01
N VAL D 81 26.93 15.64 -36.01
CA VAL D 81 26.35 16.94 -36.25
C VAL D 81 27.10 17.97 -35.43
N LYS D 82 27.21 19.18 -35.94
CA LYS D 82 27.80 20.28 -35.19
C LYS D 82 27.00 21.58 -35.40
N LYS D 83 27.29 22.57 -34.56
CA LYS D 83 26.72 23.92 -34.70
C LYS D 83 27.61 24.72 -35.64
N GLU D 84 27.03 25.73 -36.28
CA GLU D 84 27.81 26.74 -36.99
C GLU D 84 27.11 28.10 -36.87
N PHE D 85 27.91 29.15 -36.72
CA PHE D 85 27.40 30.50 -36.55
C PHE D 85 26.83 31.05 -37.86
N GLY D 86 25.74 31.78 -37.75
CA GLY D 86 25.13 32.49 -38.86
C GLY D 86 24.13 33.47 -38.32
N HIS D 87 24.36 34.78 -38.59
CA HIS D 87 23.46 35.86 -38.16
C HIS D 87 21.98 35.48 -38.42
N GLU D 88 21.71 35.18 -39.69
CA GLU D 88 20.36 34.91 -40.20
C GLU D 88 19.72 33.59 -39.77
N PHE D 89 20.52 32.69 -39.20
CA PHE D 89 20.00 31.40 -38.75
C PHE D 89 19.53 31.49 -37.29
N ASP D 90 18.56 30.65 -36.95
CA ASP D 90 18.13 30.47 -35.56
C ASP D 90 17.79 28.99 -35.41
N LEU D 91 18.39 28.31 -34.44
CA LEU D 91 18.06 26.88 -34.18
C LEU D 91 16.91 26.68 -33.18
N TYR D 92 16.06 25.69 -33.45
CA TYR D 92 14.93 25.40 -32.58
C TYR D 92 14.79 23.88 -32.35
N GLU D 93 15.03 23.42 -31.13
CA GLU D 93 15.05 21.98 -30.83
C GLU D 93 13.74 21.50 -30.18
N ASN D 94 13.31 20.29 -30.50
CA ASN D 94 12.04 19.74 -30.00
C ASN D 94 12.22 18.98 -28.69
N LYS D 95 11.32 19.23 -27.74
CA LYS D 95 11.45 18.74 -26.35
C LYS D 95 11.51 17.24 -26.17
N ASP D 96 10.82 16.49 -27.01
CA ASP D 96 10.85 15.02 -26.87
C ASP D 96 12.24 14.43 -27.09
N TYR D 97 13.15 15.22 -27.66
CA TYR D 97 14.48 14.72 -28.01
C TYR D 97 15.63 15.42 -27.31
N ILE D 98 15.30 16.10 -26.20
CA ILE D 98 16.26 16.71 -25.29
C ILE D 98 16.15 15.95 -23.97
N ARG D 99 17.26 15.32 -23.59
CA ARG D 99 17.25 14.43 -22.46
C ARG D 99 16.60 15.21 -21.33
N ASN D 100 15.56 14.62 -20.73
CA ASN D 100 14.82 15.32 -19.69
C ASN D 100 15.08 14.80 -18.28
N CYS D 101 16.19 14.06 -18.15
CA CYS D 101 16.67 13.61 -16.85
C CYS D 101 18.15 13.93 -16.78
N ILE D 102 18.77 13.81 -15.61
CA ILE D 102 20.18 14.17 -15.49
C ILE D 102 21.12 13.00 -15.28
N ILE D 103 22.35 13.19 -15.74
CA ILE D 103 23.43 12.26 -15.52
C ILE D 103 24.39 13.01 -14.63
N GLY D 104 24.82 12.36 -13.55
CA GLY D 104 25.74 12.96 -12.59
C GLY D 104 25.08 14.07 -11.82
N GLU D 105 25.75 15.22 -11.72
CA GLU D 105 25.18 16.33 -10.99
C GLU D 105 24.40 17.28 -11.91
N GLY D 106 24.25 16.88 -13.17
CA GLY D 106 23.48 17.68 -14.11
C GLY D 106 24.25 18.73 -14.86
N GLU D 107 25.57 18.75 -14.70
CA GLU D 107 26.49 19.58 -15.52
C GLU D 107 25.94 19.94 -16.88
N SER D 108 25.41 18.94 -17.57
CA SER D 108 25.05 19.04 -18.98
C SER D 108 23.55 19.09 -19.23
N TYR D 109 22.76 19.42 -18.21
CA TYR D 109 21.32 19.50 -18.35
C TYR D 109 20.95 20.64 -19.30
N LYS D 110 20.10 20.32 -20.27
CA LYS D 110 19.76 21.31 -21.25
C LYS D 110 18.28 21.32 -21.57
N GLY D 111 17.48 20.78 -20.66
CA GLY D 111 16.02 20.78 -20.80
C GLY D 111 15.38 22.07 -20.34
N THR D 112 14.05 22.11 -20.36
CA THR D 112 13.35 23.39 -20.22
C THR D 112 12.71 23.62 -18.86
N VAL D 113 12.86 22.69 -17.94
CA VAL D 113 12.20 22.80 -16.64
C VAL D 113 12.65 24.10 -15.99
N SER D 114 11.69 24.85 -15.47
CA SER D 114 12.01 26.16 -14.91
C SER D 114 11.27 26.44 -13.62
N ILE D 115 11.04 25.39 -12.83
CA ILE D 115 10.36 25.48 -11.54
C ILE D 115 11.19 24.78 -10.46
N THR D 116 11.25 25.37 -9.27
CA THR D 116 12.13 24.83 -8.22
C THR D 116 11.41 23.75 -7.43
N LYS D 117 12.12 23.14 -6.47
CA LYS D 117 11.57 22.03 -5.70
C LYS D 117 10.27 22.39 -5.01
N SER D 118 10.17 23.61 -4.44
CA SER D 118 8.94 24.14 -3.79
C SER D 118 7.87 24.64 -4.75
N GLY D 119 8.13 24.55 -6.04
CA GLY D 119 7.17 25.00 -7.04
C GLY D 119 7.24 26.50 -7.27
N ILE D 120 8.38 27.11 -6.94
CA ILE D 120 8.57 28.53 -7.23
C ILE D 120 9.09 28.63 -8.65
N LYS D 121 8.58 29.60 -9.39
CA LYS D 121 9.01 29.89 -10.75
C LYS D 121 10.39 30.56 -10.73
N CYS D 122 11.32 30.05 -11.54
CA CYS D 122 12.67 30.59 -11.63
C CYS D 122 12.72 32.00 -12.16
N GLN D 123 13.60 32.81 -11.58
CA GLN D 123 13.99 34.11 -12.15
C GLN D 123 14.85 33.88 -13.37
N PRO D 124 14.59 34.63 -14.46
CA PRO D 124 15.45 34.63 -15.66
C PRO D 124 16.90 34.87 -15.27
N TRP D 125 17.81 34.07 -15.80
CA TRP D 125 19.24 34.30 -15.57
C TRP D 125 19.67 35.73 -15.91
N SER D 126 19.15 36.26 -17.01
CA SER D 126 19.50 37.61 -17.51
C SER D 126 19.05 38.77 -16.63
N SER D 127 18.15 38.49 -15.69
CA SER D 127 17.62 39.52 -14.81
C SER D 127 18.46 39.62 -13.57
N MET D 128 18.50 40.82 -12.99
CA MET D 128 19.10 41.03 -11.68
C MET D 128 18.01 41.24 -10.63
N ILE D 129 16.76 40.99 -11.02
CA ILE D 129 15.59 41.23 -10.18
C ILE D 129 14.69 40.01 -10.12
N PRO D 130 14.29 39.57 -8.91
CA PRO D 130 14.55 40.16 -7.58
C PRO D 130 15.97 39.99 -7.06
N HIS D 131 16.74 39.06 -7.62
CA HIS D 131 18.02 38.71 -7.04
C HIS D 131 19.18 39.07 -7.94
N GLU D 132 20.09 39.89 -7.39
CA GLU D 132 21.32 40.26 -8.07
C GLU D 132 22.31 39.10 -7.99
N HIS D 133 22.94 38.75 -9.11
CA HIS D 133 23.86 37.61 -9.15
C HIS D 133 24.90 37.78 -10.23
N SER D 134 25.89 36.89 -10.27
CA SER D 134 27.03 37.04 -11.18
C SER D 134 27.14 35.92 -12.23
N PHE D 135 26.08 35.13 -12.40
CA PHE D 135 26.12 34.04 -13.35
C PHE D 135 25.79 34.56 -14.73
N LEU D 136 26.81 35.08 -15.41
CA LEU D 136 26.65 35.63 -16.75
C LEU D 136 27.01 34.57 -17.79
N PRO D 137 26.22 34.47 -18.88
CA PRO D 137 26.52 33.52 -19.96
C PRO D 137 27.96 33.60 -20.42
N SER D 138 28.50 34.81 -20.58
CA SER D 138 29.89 34.96 -20.99
C SER D 138 30.90 34.28 -20.05
N SER D 139 30.61 34.20 -18.75
CA SER D 139 31.53 33.49 -17.88
C SER D 139 31.09 32.05 -17.54
N TYR D 140 30.06 31.60 -18.22
CA TYR D 140 29.63 30.20 -18.14
C TYR D 140 29.27 29.67 -19.52
N ARG D 141 30.20 29.88 -20.45
CA ARG D 141 29.96 29.55 -21.83
C ARG D 141 29.76 28.05 -21.97
N GLY D 142 28.81 27.65 -22.81
CA GLY D 142 28.50 26.23 -23.02
C GLY D 142 27.46 25.71 -22.04
N LYS D 143 27.17 26.48 -20.99
CA LYS D 143 26.34 26.00 -19.89
C LYS D 143 24.83 26.25 -20.07
N ASP D 144 24.47 26.89 -21.19
CA ASP D 144 23.08 27.23 -21.55
C ASP D 144 22.29 28.05 -20.52
N LEU D 145 22.92 29.08 -19.93
CA LEU D 145 22.23 29.98 -19.01
C LEU D 145 21.27 30.92 -19.77
N GLN D 146 20.14 30.38 -20.24
CA GLN D 146 19.18 31.17 -21.02
C GLN D 146 17.76 31.03 -20.47
N GLU D 147 16.89 31.97 -20.86
CA GLU D 147 15.52 32.05 -20.34
C GLU D 147 15.59 31.97 -18.82
N ASN D 148 14.75 31.11 -18.25
CA ASN D 148 14.80 30.91 -16.81
C ASN D 148 14.90 29.46 -16.41
N TYR D 149 15.69 28.71 -17.19
CA TYR D 149 15.79 27.25 -17.09
C TYR D 149 16.64 26.86 -15.91
N CYS D 150 16.30 25.75 -15.24
CA CYS D 150 17.18 25.23 -14.19
C CYS D 150 18.45 24.78 -14.87
N ARG D 151 19.58 25.10 -14.25
CA ARG D 151 20.90 24.72 -14.75
C ARG D 151 21.83 24.45 -13.60
N ASN D 152 22.96 23.81 -13.91
CA ASN D 152 24.02 23.57 -12.95
C ASN D 152 25.33 24.02 -13.59
N PRO D 153 25.53 25.34 -13.71
CA PRO D 153 26.65 25.82 -14.54
C PRO D 153 28.04 25.52 -13.96
N ARG D 154 28.14 25.29 -12.65
CA ARG D 154 29.45 24.93 -12.10
C ARG D 154 29.58 23.43 -11.81
N GLY D 155 28.63 22.63 -12.28
CA GLY D 155 28.59 21.21 -11.95
C GLY D 155 28.79 20.87 -10.47
N GLU D 156 28.34 21.74 -9.58
CA GLU D 156 28.47 21.48 -8.16
C GLU D 156 27.52 20.39 -7.73
N GLU D 157 27.65 19.99 -6.47
CA GLU D 157 26.78 19.00 -5.85
C GLU D 157 25.44 19.65 -5.51
N GLY D 158 24.35 18.92 -5.75
CA GLY D 158 23.01 19.44 -5.47
C GLY D 158 22.12 19.49 -6.71
N GLY D 159 22.75 19.56 -7.88
CA GLY D 159 22.04 19.43 -9.14
C GLY D 159 21.59 20.75 -9.73
N PRO D 160 20.84 20.68 -10.84
CA PRO D 160 20.31 21.86 -11.48
C PRO D 160 19.50 22.70 -10.51
N TRP D 161 19.58 24.03 -10.66
CA TRP D 161 18.93 24.98 -9.74
C TRP D 161 18.69 26.27 -10.48
N CYS D 162 17.99 27.21 -9.83
CA CYS D 162 17.86 28.56 -10.38
C CYS D 162 17.71 29.61 -9.28
N PHE D 163 17.86 30.89 -9.63
CA PHE D 163 17.36 31.94 -8.76
C PHE D 163 15.83 31.97 -8.87
N THR D 164 15.15 32.18 -7.75
CA THR D 164 13.69 32.04 -7.71
C THR D 164 13.07 33.40 -7.73
N SER D 165 11.89 33.51 -8.31
CA SER D 165 11.20 34.80 -8.40
C SER D 165 10.54 35.21 -7.07
N ASN D 166 10.65 34.38 -6.04
CA ASN D 166 10.27 34.79 -4.70
C ASN D 166 11.43 35.56 -4.08
N PRO D 167 11.21 36.85 -3.72
CA PRO D 167 12.28 37.67 -3.14
C PRO D 167 12.84 37.12 -1.81
N GLU D 168 12.06 36.31 -1.10
CA GLU D 168 12.57 35.63 0.09
C GLU D 168 13.35 34.35 -0.11
N VAL D 169 13.55 33.94 -1.36
CA VAL D 169 14.26 32.71 -1.67
C VAL D 169 15.25 33.02 -2.79
N ARG D 170 16.48 33.33 -2.42
CA ARG D 170 17.47 33.72 -3.40
C ARG D 170 17.64 32.66 -4.51
N TYR D 171 17.75 31.40 -4.11
CA TYR D 171 17.82 30.29 -5.08
C TYR D 171 17.27 28.98 -4.46
N GLU D 172 16.91 28.03 -5.31
CA GLU D 172 16.56 26.71 -4.86
C GLU D 172 16.89 25.68 -5.92
N VAL D 173 17.17 24.45 -5.49
CA VAL D 173 17.36 23.34 -6.44
C VAL D 173 16.04 23.07 -7.14
N CYS D 174 16.11 22.58 -8.37
CA CYS D 174 14.96 22.06 -9.05
C CYS D 174 14.85 20.57 -8.80
N ASP D 175 13.71 20.01 -9.15
CA ASP D 175 13.37 18.65 -8.79
C ASP D 175 13.46 17.73 -10.02
N ILE D 176 14.64 17.60 -10.60
CA ILE D 176 14.81 16.90 -11.87
C ILE D 176 15.40 15.51 -11.70
N PRO D 177 14.67 14.45 -12.13
CA PRO D 177 15.09 13.08 -11.81
C PRO D 177 16.40 12.64 -12.48
N GLN D 178 17.02 11.62 -11.90
CA GLN D 178 18.18 10.96 -12.50
C GLN D 178 17.68 10.03 -13.58
N CYS D 179 18.54 9.73 -14.53
CA CYS D 179 18.18 8.74 -15.55
C CYS D 179 18.32 7.33 -14.98
N SER D 180 18.90 7.22 -13.79
CA SER D 180 19.14 5.95 -13.14
C SER D 180 18.13 5.65 -12.03
N GLU D 181 16.86 6.00 -12.26
CA GLU D 181 15.77 5.69 -11.32
C GLU D 181 14.48 5.38 -12.05
C1 SGN E . -9.87 18.58 10.45
C2 SGN E . -10.22 19.96 9.91
C3 SGN E . -10.08 19.99 8.39
C4 SGN E . -8.75 19.43 7.90
C5 SGN E . -8.34 18.15 8.66
C6 SGN E . -6.87 17.78 8.41
N2 SGN E . -11.56 20.36 10.33
O3 SGN E . -10.22 21.31 7.92
O4 SGN E . -8.85 19.16 6.51
O5 SGN E . -8.54 18.27 10.08
O6 SGN E . -6.02 18.61 9.19
S1 SGN E . -11.79 21.68 11.22
O1S SGN E . -10.56 21.92 12.04
O2S SGN E . -12.02 22.80 10.28
O3S SGN E . -12.97 21.43 12.07
S2 SGN E . -4.65 18.12 9.74
O4S SGN E . -4.17 19.11 10.70
O5S SGN E . -4.88 16.84 10.42
O6S SGN E . -3.75 17.98 8.59
C1 IDS E . -8.23 20.21 5.73
C2 IDS E . -7.42 19.62 4.56
C3 IDS E . -8.28 19.22 3.37
C4 IDS E . -9.31 20.31 2.99
C5 IDS E . -10.05 20.79 4.23
C6 IDS E . -10.95 21.92 3.84
O2 IDS E . -6.45 20.56 4.12
O3 IDS E . -8.96 17.99 3.64
O4 IDS E . -8.65 21.42 2.36
O5 IDS E . -9.13 21.21 5.25
O6A IDS E . -10.71 23.06 4.30
O6B IDS E . -11.91 21.70 3.06
S IDS E . -4.91 20.50 4.68
O1S IDS E . -4.02 21.33 3.82
O2S IDS E . -4.92 21.05 6.03
O3S IDS E . -4.42 19.11 4.74
C1 SGN E . -8.80 21.38 0.92
C2 SGN E . -7.58 22.00 0.24
C3 SGN E . -7.59 23.53 0.31
C4 SGN E . -8.91 24.07 -0.21
C5 SGN E . -10.08 23.38 0.49
C6 SGN E . -11.40 23.82 -0.13
N2 SGN E . -6.36 21.47 0.81
O3 SGN E . -6.52 24.06 -0.44
O4 SGN E . -8.98 25.46 0.02
O5 SGN E . -9.99 21.97 0.41
O6 SGN E . -11.57 23.17 -1.36
S1 SGN E . -5.52 20.41 -0.03
O1S SGN E . -5.53 20.84 -1.42
O2S SGN E . -4.17 20.46 0.51
O3S SGN E . -6.17 19.11 0.15
S2 SGN E . -12.97 23.02 -2.03
O4S SGN E . -12.69 22.66 -3.41
O5S SGN E . -13.66 21.96 -1.32
O6S SGN E . -13.67 24.30 -1.97
C1 IDS E . -9.57 26.10 -1.11
C2 IDS E . -10.03 27.50 -0.68
C3 IDS E . -8.86 28.50 -0.57
C4 IDS E . -7.88 28.40 -1.74
C5 IDS E . -7.49 26.93 -1.98
C6 IDS E . -6.48 26.79 -3.07
O2 IDS E . -11.01 28.00 -1.59
O3 IDS E . -8.15 28.27 0.65
O4 IDS E . -8.45 28.99 -2.92
O5 IDS E . -8.69 26.17 -2.23
O6A IDS E . -6.76 26.16 -4.11
O6B IDS E . -5.35 27.31 -2.91
S IDS E . -12.37 28.69 -1.01
O1S IDS E . -12.00 29.74 -0.03
O2S IDS E . -13.13 29.31 -2.12
O3S IDS E . -13.23 27.68 -0.38
C1 SGN E . -7.83 30.27 -3.20
C2 SGN E . -8.90 31.27 -3.61
C3 SGN E . -9.48 30.94 -4.99
C4 SGN E . -8.41 30.61 -6.04
C5 SGN E . -7.40 29.64 -5.41
C6 SGN E . -6.25 29.27 -6.34
N2 SGN E . -9.97 31.27 -2.64
O3 SGN E . -10.27 32.01 -5.46
O4 SGN E . -9.07 30.03 -7.16
O5 SGN E . -6.86 30.17 -4.21
O6 SGN E . -5.67 30.42 -6.89
S1 SGN E . -10.24 32.52 -1.67
O1S SGN E . -9.13 33.46 -1.84
O2S SGN E . -11.53 33.06 -2.11
O3S SGN E . -10.31 32.02 -0.31
S2 SGN E . -4.26 30.30 -7.54
O4S SGN E . -4.05 31.49 -8.40
O5S SGN E . -3.29 30.31 -6.43
O6S SGN E . -4.24 29.05 -8.31
C1 IDS E . -8.57 30.50 -8.43
C2 IDS E . -8.96 29.49 -9.50
C3 IDS E . -8.93 30.06 -10.93
C4 IDS E . -9.76 31.34 -11.06
C5 IDS E . -10.07 31.93 -9.68
C6 IDS E . -10.48 33.36 -9.78
O2 IDS E . -8.06 28.39 -9.38
O3 IDS E . -9.45 29.10 -11.84
O4 IDS E . -9.07 32.28 -11.91
O5 IDS E . -8.95 31.83 -8.78
O6A IDS E . -11.70 33.61 -9.93
O6B IDS E . -9.59 34.25 -9.71
S IDS E . -8.61 26.84 -9.34
O1S IDS E . -9.12 26.53 -7.98
O2S IDS E . -9.73 26.68 -10.30
O3S IDS E . -7.51 25.92 -9.71
S SO4 F . -21.79 -30.65 29.00
O1 SO4 F . -22.40 -30.31 27.72
O2 SO4 F . -20.34 -30.84 28.87
O3 SO4 F . -22.17 -29.56 29.91
O4 SO4 F . -22.32 -31.89 29.57
N1 EPE G . -16.19 -39.68 12.76
C2 EPE G . -15.85 -38.93 14.00
C3 EPE G . -14.52 -38.19 13.88
N4 EPE G . -13.45 -38.99 13.29
C5 EPE G . -13.79 -39.87 12.19
C6 EPE G . -15.10 -40.61 12.40
C7 EPE G . -12.13 -38.38 13.22
C8 EPE G . -11.56 -38.03 14.58
O8 EPE G . -11.36 -36.64 14.61
C9 EPE G . -17.38 -40.50 13.03
C10 EPE G . -18.60 -39.69 12.61
S EPE G . -20.01 -40.66 12.04
O1S EPE G . -20.17 -40.40 10.61
O2S EPE G . -21.19 -40.26 12.83
O3S EPE G . -19.83 -42.10 12.22
C1 SGN H . -23.07 -6.43 46.02
C2 SGN H . -21.64 -5.90 45.95
C3 SGN H . -21.46 -4.44 46.37
C4 SGN H . -22.67 -3.58 45.99
C5 SGN H . -23.92 -4.20 46.60
C6 SGN H . -25.16 -3.38 46.31
N2 SGN H . -20.77 -6.78 46.74
O3 SGN H . -20.30 -3.89 45.77
O4 SGN H . -22.47 -2.25 46.42
O5 SGN H . -24.14 -5.47 46.02
O6 SGN H . -25.38 -3.53 44.92
S1 SGN H . -20.12 -8.12 46.14
O1S SGN H . -20.13 -7.91 44.69
O2S SGN H . -18.74 -8.22 46.65
O3S SGN H . -20.96 -9.27 46.53
S2 SGN H . -26.72 -4.13 44.37
O4S SGN H . -26.36 -5.10 43.32
O5S SGN H . -27.44 -4.81 45.46
O6S SGN H . -27.48 -2.99 43.83
S SO4 I . 8.30 -6.32 18.27
O1 SO4 I . 7.52 -6.46 17.04
O2 SO4 I . 9.60 -5.75 17.96
O3 SO4 I . 7.57 -5.46 19.18
O4 SO4 I . 8.49 -7.63 18.89
N1 EPE J . 10.96 -6.57 37.30
C2 EPE J . 10.11 -7.08 36.21
C3 EPE J . 9.25 -8.23 36.68
N4 EPE J . 10.06 -9.25 37.33
C5 EPE J . 11.04 -8.79 38.30
C6 EPE J . 11.88 -7.63 37.77
C7 EPE J . 10.29 -10.54 36.67
C8 EPE J . 9.03 -11.32 36.25
O8 EPE J . 7.95 -11.14 37.14
C9 EPE J . 11.76 -5.45 36.78
C10 EPE J . 10.89 -4.20 36.70
S EPE J . 11.77 -2.67 37.09
O1S EPE J . 11.02 -1.98 38.15
O2S EPE J . 11.92 -1.81 35.91
O3S EPE J . 13.12 -3.01 37.52
S SO4 K . -0.41 -1.63 -18.62
O1 SO4 K . -0.54 -1.60 -20.08
O2 SO4 K . 0.83 -0.96 -18.20
O3 SO4 K . -1.56 -0.93 -18.08
O4 SO4 K . -0.36 -3.02 -18.15
N1 EPE L . 9.82 -8.81 -33.19
C2 EPE L . 11.01 -8.84 -34.07
C3 EPE L . 12.29 -8.51 -33.28
N4 EPE L . 12.11 -7.41 -32.35
C5 EPE L . 10.86 -7.28 -31.60
C6 EPE L . 9.66 -7.51 -32.49
C7 EPE L . 13.16 -6.42 -32.17
C8 EPE L . 12.71 -4.99 -32.44
O8 EPE L . 12.92 -4.22 -31.28
C9 EPE L . 8.64 -9.00 -34.05
C10 EPE L . 7.44 -9.44 -33.21
S EPE L . 6.30 -10.39 -34.25
O1S EPE L . 6.98 -11.65 -34.51
O2S EPE L . 6.05 -9.66 -35.50
O3S EPE L . 5.04 -10.62 -33.55
S SO4 M . 25.76 29.18 -24.04
O1 SO4 M . 24.50 29.12 -24.78
O2 SO4 M . 26.49 30.42 -24.32
O3 SO4 M . 25.51 29.08 -22.60
O4 SO4 M . 26.57 28.04 -24.44
N1 EPE N . 24.36 28.27 -4.82
C2 EPE N . 23.74 27.84 -6.10
C3 EPE N . 24.01 26.38 -6.49
N4 EPE N . 24.24 25.44 -5.38
C5 EPE N . 24.81 25.94 -4.15
C6 EPE N . 25.40 27.32 -4.38
C7 EPE N . 23.57 24.16 -5.36
C8 EPE N . 23.95 23.30 -6.57
O8 EPE N . 22.83 22.55 -6.94
C9 EPE N . 25.09 29.54 -5.01
C10 EPE N . 24.42 30.60 -5.87
S EPE N . 24.71 32.26 -5.22
O1S EPE N . 24.40 33.29 -6.20
O2S EPE N . 26.11 32.46 -4.89
O3S EPE N . 23.90 32.48 -4.03
#